data_2OJ6
#
_entry.id   2OJ6
#
_cell.length_a   84.020
_cell.length_b   51.600
_cell.length_c   108.860
_cell.angle_alpha   90.00
_cell.angle_beta   95.59
_cell.angle_gamma   90.00
#
_symmetry.space_group_name_H-M   'P 1 21 1'
#
loop_
_entity.id
_entity.type
_entity.pdbx_description
1 polymer 'Viral attachment protein sigma 1'
2 non-polymer 'MAGNESIUM ION'
3 water water
#
_entity_poly.entity_id   1
_entity_poly.type   'polypeptide(L)'
_entity_poly.pdbx_seq_one_letter_code
;GSSPNLRYPIADVSGGIGMSPNYRFRQSMWIGIVSYSGSGLNWRVQVNSDIFIVNDYIHICLPAFDGFSIADGGDLSLNF
VTGLLPPLLTGDTEPAFHNDVVTYGAQTVAIGLSSGGTPQYMSKNLWVEQWQDGVLRLRVEGGGSITHSNSKWPAMTVSY
PRSFT
;
_entity_poly.pdbx_strand_id   A,B,C,D,E,F
#
# COMPACT_ATOMS: atom_id res chain seq x y z
N PRO A 4 2.38 5.07 45.87
CA PRO A 4 1.60 6.24 45.49
C PRO A 4 0.08 6.01 45.68
N ASN A 5 -0.73 7.05 45.50
CA ASN A 5 -2.19 6.91 45.62
C ASN A 5 -2.80 6.43 44.28
N LEU A 6 -2.82 5.13 44.02
CA LEU A 6 -3.26 4.65 42.70
C LEU A 6 -4.80 4.43 42.62
N ARG A 7 -5.42 4.89 41.53
CA ARG A 7 -6.87 4.73 41.33
C ARG A 7 -7.21 3.73 40.24
N TYR A 8 -7.88 2.64 40.59
CA TYR A 8 -8.36 1.69 39.58
C TYR A 8 -8.88 2.41 38.31
N PRO A 9 -8.49 1.94 37.10
CA PRO A 9 -7.76 0.69 36.85
C PRO A 9 -6.23 0.77 36.96
N ILE A 10 -5.69 1.93 37.28
CA ILE A 10 -4.27 2.02 37.66
C ILE A 10 -4.09 1.31 39.01
N ALA A 11 -3.06 0.46 39.09
CA ALA A 11 -2.82 -0.40 40.25
C ALA A 11 -1.34 -0.77 40.42
N ASP A 12 -0.99 -1.19 41.63
CA ASP A 12 0.31 -1.82 41.85
C ASP A 12 0.39 -3.16 41.14
N VAL A 13 1.41 -3.29 40.31
CA VAL A 13 1.73 -4.53 39.65
C VAL A 13 3.21 -4.77 39.88
N SER A 14 3.57 -5.93 40.44
CA SER A 14 4.99 -6.34 40.51
C SER A 14 5.89 -5.24 41.06
N GLY A 15 5.36 -4.46 41.99
CA GLY A 15 6.14 -3.42 42.60
C GLY A 15 6.16 -2.10 41.84
N GLY A 16 5.56 -2.08 40.65
CA GLY A 16 5.57 -0.87 39.80
C GLY A 16 4.19 -0.30 39.58
N ILE A 17 4.11 0.84 38.90
CA ILE A 17 2.80 1.36 38.47
C ILE A 17 2.41 0.74 37.13
N GLY A 18 1.34 -0.04 37.15
CA GLY A 18 0.88 -0.76 35.97
C GLY A 18 -0.63 -0.67 35.79
N MET A 19 -1.16 -1.52 34.92
CA MET A 19 -2.59 -1.60 34.72
C MET A 19 -3.14 -2.88 35.37
N SER A 20 -4.19 -2.72 36.17
CA SER A 20 -4.83 -3.88 36.80
C SER A 20 -5.19 -4.99 35.78
N PRO A 21 -4.72 -6.23 36.03
CA PRO A 21 -5.07 -7.36 35.16
C PRO A 21 -6.58 -7.55 35.11
N ASN A 22 -7.26 -7.23 36.21
CA ASN A 22 -8.73 -7.32 36.29
C ASN A 22 -9.41 -6.40 35.27
N TYR A 23 -8.83 -5.23 35.05
CA TYR A 23 -9.35 -4.29 34.07
C TYR A 23 -9.08 -4.78 32.63
N ARG A 24 -7.92 -5.40 32.43
CA ARG A 24 -7.54 -5.91 31.12
C ARG A 24 -8.39 -7.09 30.63
N PHE A 25 -8.72 -8.00 31.54
CA PHE A 25 -9.56 -9.15 31.17
C PHE A 25 -10.22 -9.79 32.39
N ARG A 26 -11.53 -10.01 32.27
CA ARG A 26 -12.25 -10.79 33.25
C ARG A 26 -13.29 -11.59 32.50
N GLN A 27 -13.35 -12.88 32.81
CA GLN A 27 -14.33 -13.78 32.19
C GLN A 27 -15.32 -14.25 33.26
N SER A 28 -16.58 -14.31 32.89
CA SER A 28 -17.63 -14.77 33.80
C SER A 28 -18.76 -15.43 33.00
N MET A 29 -19.92 -15.55 33.61
CA MET A 29 -21.06 -16.14 32.91
C MET A 29 -22.35 -15.53 33.42
N TRP A 30 -23.35 -15.59 32.57
CA TRP A 30 -24.73 -15.27 32.94
C TRP A 30 -25.56 -16.51 32.54
N ILE A 31 -26.17 -17.16 33.52
CA ILE A 31 -27.14 -18.22 33.25
C ILE A 31 -28.49 -17.64 33.61
N GLY A 32 -29.29 -17.31 32.60
CA GLY A 32 -30.42 -16.46 32.83
C GLY A 32 -31.52 -16.52 31.79
N ILE A 33 -32.42 -15.56 31.91
CA ILE A 33 -33.66 -15.60 31.17
CA ILE A 33 -33.67 -15.58 31.17
C ILE A 33 -33.70 -14.46 30.13
N VAL A 34 -33.85 -14.85 28.87
CA VAL A 34 -34.02 -13.91 27.78
C VAL A 34 -35.51 -13.87 27.39
N SER A 35 -36.10 -12.66 27.38
CA SER A 35 -37.54 -12.52 27.05
C SER A 35 -37.76 -11.73 25.78
N TYR A 36 -38.61 -12.26 24.91
CA TYR A 36 -39.04 -11.57 23.70
C TYR A 36 -40.41 -10.95 23.94
N SER A 37 -40.60 -9.73 23.40
CA SER A 37 -41.90 -9.06 23.44
C SER A 37 -42.08 -8.24 22.15
N GLY A 38 -43.20 -8.46 21.45
CA GLY A 38 -43.46 -7.68 20.24
C GLY A 38 -44.88 -7.90 19.80
N SER A 39 -45.62 -6.81 19.64
CA SER A 39 -46.97 -6.85 19.08
C SER A 39 -47.83 -7.91 19.75
N GLY A 40 -47.82 -7.93 21.07
CA GLY A 40 -48.63 -8.90 21.80
C GLY A 40 -48.05 -10.30 21.90
N LEU A 41 -46.89 -10.54 21.27
CA LEU A 41 -46.22 -11.82 21.41
C LEU A 41 -45.24 -11.77 22.58
N ASN A 42 -45.27 -12.78 23.44
CA ASN A 42 -44.38 -12.85 24.62
C ASN A 42 -43.92 -14.28 24.89
N TRP A 43 -42.61 -14.48 25.00
CA TRP A 43 -42.10 -15.78 25.45
C TRP A 43 -40.71 -15.59 26.05
N ARG A 44 -40.24 -16.59 26.77
CA ARG A 44 -38.90 -16.55 27.35
C ARG A 44 -38.13 -17.85 27.08
N VAL A 45 -36.79 -17.75 27.11
CA VAL A 45 -35.90 -18.92 27.03
C VAL A 45 -34.78 -18.80 28.08
N GLN A 46 -34.25 -19.93 28.54
CA GLN A 46 -33.04 -19.92 29.37
C GLN A 46 -31.81 -20.03 28.46
N VAL A 47 -30.77 -19.27 28.76
CA VAL A 47 -29.50 -19.42 28.06
C VAL A 47 -28.35 -19.48 29.06
N ASN A 48 -27.30 -20.18 28.67
CA ASN A 48 -26.03 -20.09 29.38
C ASN A 48 -25.09 -19.29 28.49
N SER A 49 -24.64 -18.13 28.97
CA SER A 49 -23.78 -17.27 28.16
C SER A 49 -22.48 -16.89 28.89
N ASP A 50 -21.36 -16.92 28.16
CA ASP A 50 -20.11 -16.35 28.66
C ASP A 50 -20.19 -14.83 28.61
N ILE A 51 -19.58 -14.19 29.61
CA ILE A 51 -19.43 -12.74 29.63
C ILE A 51 -17.94 -12.43 29.70
N PHE A 52 -17.50 -11.48 28.89
CA PHE A 52 -16.13 -11.02 28.95
C PHE A 52 -16.13 -9.52 29.18
N ILE A 53 -15.33 -9.07 30.15
CA ILE A 53 -15.15 -7.64 30.36
C ILE A 53 -13.71 -7.31 30.05
N VAL A 54 -13.51 -6.41 29.10
CA VAL A 54 -12.18 -6.13 28.56
C VAL A 54 -12.05 -4.61 28.44
N ASN A 55 -11.13 -4.05 29.23
CA ASN A 55 -11.00 -2.61 29.32
C ASN A 55 -12.39 -2.00 29.64
N ASP A 56 -12.80 -0.96 28.94
CA ASP A 56 -14.08 -0.35 29.33
C ASP A 56 -15.32 -0.93 28.60
N TYR A 57 -15.23 -2.18 28.14
CA TYR A 57 -16.29 -2.85 27.38
C TYR A 57 -16.78 -4.10 28.08
N ILE A 58 -18.08 -4.39 27.95
CA ILE A 58 -18.59 -5.72 28.30
C ILE A 58 -19.09 -6.44 27.04
N HIS A 59 -18.82 -7.73 26.97
CA HIS A 59 -19.29 -8.54 25.86
C HIS A 59 -20.15 -9.66 26.40
N ILE A 60 -21.39 -9.73 25.92
CA ILE A 60 -22.31 -10.77 26.33
C ILE A 60 -22.48 -11.75 25.17
N CYS A 61 -21.95 -12.95 25.34
CA CYS A 61 -21.89 -13.89 24.24
C CYS A 61 -23.05 -14.88 24.29
N LEU A 62 -24.17 -14.50 23.69
CA LEU A 62 -25.36 -15.34 23.73
C LEU A 62 -25.17 -16.53 22.79
N PRO A 63 -25.59 -17.72 23.22
CA PRO A 63 -25.54 -18.91 22.36
C PRO A 63 -26.79 -18.93 21.45
N ALA A 64 -26.79 -19.77 20.42
CA ALA A 64 -27.99 -19.99 19.62
C ALA A 64 -29.11 -20.55 20.51
N PHE A 65 -30.35 -20.18 20.19
CA PHE A 65 -31.50 -20.67 20.92
C PHE A 65 -32.73 -20.69 20.02
N ASP A 66 -33.75 -21.39 20.46
CA ASP A 66 -35.00 -21.48 19.73
C ASP A 66 -36.09 -20.81 20.54
N GLY A 67 -36.90 -20.00 19.86
CA GLY A 67 -38.02 -19.31 20.49
C GLY A 67 -39.30 -19.55 19.70
N PHE A 68 -40.30 -18.75 19.99
CA PHE A 68 -41.57 -18.88 19.28
C PHE A 68 -41.79 -17.72 18.30
N SER A 69 -43.03 -17.30 18.09
CA SER A 69 -43.31 -16.27 17.07
C SER A 69 -42.69 -14.91 17.44
N ILE A 70 -42.19 -14.22 16.45
CA ILE A 70 -41.74 -12.86 16.62
C ILE A 70 -42.57 -11.93 15.74
N ALA A 71 -42.54 -10.63 16.05
CA ALA A 71 -43.23 -9.61 15.27
C ALA A 71 -42.24 -8.97 14.31
N ASP A 72 -42.76 -8.12 13.43
CA ASP A 72 -41.88 -7.40 12.53
C ASP A 72 -40.83 -6.58 13.34
N GLY A 73 -41.30 -5.88 14.38
CA GLY A 73 -40.42 -5.24 15.36
C GLY A 73 -40.76 -5.66 16.79
N GLY A 74 -39.72 -5.83 17.61
CA GLY A 74 -39.91 -6.30 18.98
C GLY A 74 -38.65 -6.07 19.82
N ASP A 75 -38.73 -6.48 21.09
CA ASP A 75 -37.63 -6.30 22.04
C ASP A 75 -37.18 -7.66 22.50
N LEU A 76 -35.88 -7.81 22.66
CA LEU A 76 -35.34 -8.98 23.32
C LEU A 76 -34.63 -8.47 24.59
N SER A 77 -35.04 -8.95 25.75
CA SER A 77 -34.61 -8.39 27.03
C SER A 77 -33.84 -9.42 27.85
N LEU A 78 -32.68 -9.00 28.35
CA LEU A 78 -31.83 -9.86 29.15
C LEU A 78 -31.96 -9.45 30.60
N ASN A 79 -32.42 -10.37 31.44
CA ASN A 79 -32.62 -10.08 32.87
C ASN A 79 -31.37 -10.30 33.71
N PHE A 80 -30.60 -9.25 33.93
CA PHE A 80 -29.31 -9.34 34.67
C PHE A 80 -29.48 -9.25 36.19
N VAL A 81 -30.71 -9.09 36.63
CA VAL A 81 -31.02 -9.04 38.07
C VAL A 81 -30.65 -10.33 38.78
N THR A 82 -30.74 -11.46 38.07
CA THR A 82 -30.29 -12.74 38.57
C THR A 82 -29.44 -13.43 37.52
N GLY A 83 -28.64 -14.40 37.94
CA GLY A 83 -27.96 -15.30 37.02
C GLY A 83 -26.47 -15.02 36.76
N LEU A 84 -25.99 -13.83 37.13
CA LEU A 84 -24.56 -13.51 37.01
C LEU A 84 -23.72 -14.27 38.03
N LEU A 85 -22.63 -14.86 37.56
CA LEU A 85 -21.70 -15.61 38.41
C LEU A 85 -20.97 -14.63 39.34
N PRO A 86 -21.12 -14.79 40.67
CA PRO A 86 -20.26 -14.06 41.62
C PRO A 86 -18.80 -14.10 41.19
N PRO A 87 -18.07 -12.98 41.35
CA PRO A 87 -18.43 -11.78 42.12
C PRO A 87 -19.06 -10.67 41.26
N LEU A 88 -19.40 -10.97 40.00
CA LEU A 88 -20.12 -9.99 39.19
C LEU A 88 -21.49 -9.73 39.76
N LEU A 89 -21.90 -8.46 39.73
CA LEU A 89 -23.20 -8.04 40.23
C LEU A 89 -23.99 -7.37 39.09
N THR A 90 -25.30 -7.30 39.24
CA THR A 90 -26.16 -6.65 38.24
C THR A 90 -25.60 -5.29 37.76
N GLY A 91 -25.13 -4.47 38.71
CA GLY A 91 -24.61 -3.14 38.37
C GLY A 91 -23.42 -3.15 37.44
N ASP A 92 -22.75 -4.30 37.37
CA ASP A 92 -21.58 -4.47 36.49
C ASP A 92 -21.98 -4.52 35.02
N THR A 93 -23.29 -4.68 34.74
CA THR A 93 -23.77 -4.70 33.36
C THR A 93 -24.35 -3.34 32.91
N GLU A 94 -24.31 -2.35 33.77
CA GLU A 94 -24.82 -1.03 33.38
C GLU A 94 -23.91 -0.35 32.33
N PRO A 95 -24.49 0.16 31.23
CA PRO A 95 -23.72 0.86 30.20
C PRO A 95 -23.13 2.18 30.69
N ALA A 96 -22.04 2.62 30.06
CA ALA A 96 -21.47 3.94 30.33
C ALA A 96 -22.43 5.09 30.01
N PHE A 97 -23.41 4.84 29.14
CA PHE A 97 -24.49 5.78 28.88
C PHE A 97 -25.71 5.54 29.78
N HIS A 98 -25.50 4.72 30.82
CA HIS A 98 -26.46 4.52 31.90
C HIS A 98 -27.79 4.07 31.35
N ASN A 99 -28.88 4.81 31.60
CA ASN A 99 -30.21 4.39 31.14
C ASN A 99 -30.75 5.21 29.98
N ASP A 100 -29.84 5.85 29.23
CA ASP A 100 -30.16 6.55 27.98
C ASP A 100 -30.66 5.56 26.92
N VAL A 101 -31.61 6.03 26.12
CA VAL A 101 -32.07 5.27 24.98
C VAL A 101 -31.14 5.56 23.82
N VAL A 102 -30.62 4.49 23.21
CA VAL A 102 -29.59 4.62 22.19
C VAL A 102 -29.87 3.65 21.06
N THR A 103 -29.09 3.74 20.00
CA THR A 103 -29.10 2.76 18.92
C THR A 103 -27.69 2.22 18.76
N TYR A 104 -27.22 1.51 19.78
CA TYR A 104 -25.81 1.18 19.90
C TYR A 104 -25.49 -0.25 19.41
N GLY A 105 -24.43 -0.35 18.63
CA GLY A 105 -23.92 -1.64 18.18
C GLY A 105 -24.88 -2.31 17.22
N ALA A 106 -25.59 -1.50 16.42
CA ALA A 106 -26.53 -2.05 15.46
C ALA A 106 -25.83 -3.01 14.51
N GLN A 107 -26.47 -4.15 14.25
CA GLN A 107 -25.93 -5.22 13.44
C GLN A 107 -27.04 -6.02 12.74
N THR A 108 -26.65 -6.84 11.77
CA THR A 108 -27.57 -7.79 11.12
C THR A 108 -27.61 -9.09 11.91
N VAL A 109 -28.82 -9.60 12.12
CA VAL A 109 -28.97 -10.95 12.70
C VAL A 109 -29.97 -11.76 11.85
N ALA A 110 -29.57 -12.96 11.44
CA ALA A 110 -30.44 -13.77 10.60
C ALA A 110 -31.19 -14.76 11.46
N ILE A 111 -32.51 -14.66 11.45
CA ILE A 111 -33.35 -15.53 12.27
C ILE A 111 -34.21 -16.43 11.39
N GLY A 112 -34.21 -17.72 11.69
CA GLY A 112 -34.95 -18.71 10.90
C GLY A 112 -36.37 -18.90 11.40
N LEU A 113 -37.32 -18.54 10.55
CA LEU A 113 -38.75 -18.60 10.90
C LEU A 113 -39.41 -19.80 10.23
N SER A 114 -40.18 -20.56 11.00
CA SER A 114 -40.81 -21.77 10.48
C SER A 114 -42.10 -22.07 11.24
N SER A 115 -42.84 -23.07 10.75
CA SER A 115 -43.87 -23.72 11.55
C SER A 115 -43.58 -25.21 11.63
N GLY A 116 -42.33 -25.56 11.95
CA GLY A 116 -41.97 -26.97 12.15
C GLY A 116 -41.10 -27.54 11.04
N GLY A 117 -41.31 -27.04 9.83
CA GLY A 117 -40.55 -27.45 8.65
C GLY A 117 -39.36 -26.56 8.41
N THR A 118 -38.98 -26.46 7.14
CA THR A 118 -37.79 -25.76 6.70
C THR A 118 -37.85 -24.27 7.02
N PRO A 119 -36.87 -23.75 7.80
CA PRO A 119 -36.85 -22.34 8.19
C PRO A 119 -36.62 -21.42 6.99
N GLN A 120 -37.30 -20.27 6.97
CA GLN A 120 -36.90 -19.20 6.09
C GLN A 120 -36.14 -18.16 6.91
N TYR A 121 -34.95 -17.81 6.46
CA TYR A 121 -34.08 -16.87 7.18
C TYR A 121 -34.37 -15.42 6.85
N MET A 122 -34.69 -14.65 7.87
CA MET A 122 -34.97 -13.21 7.73
C MET A 122 -33.78 -12.43 8.28
N SER A 123 -33.31 -11.46 7.51
CA SER A 123 -32.27 -10.56 7.96
C SER A 123 -32.85 -9.41 8.78
N LYS A 124 -32.78 -9.53 10.10
CA LYS A 124 -33.29 -8.49 10.99
C LYS A 124 -32.13 -7.63 11.51
N ASN A 125 -32.48 -6.52 12.13
CA ASN A 125 -31.53 -5.47 12.53
C ASN A 125 -31.62 -5.45 14.05
N LEU A 126 -30.51 -5.71 14.73
CA LEU A 126 -30.50 -5.75 16.19
C LEU A 126 -29.60 -4.66 16.78
N TRP A 127 -30.06 -3.98 17.83
CA TRP A 127 -29.16 -3.07 18.57
C TRP A 127 -29.45 -3.02 20.08
N VAL A 128 -28.43 -2.61 20.85
CA VAL A 128 -28.63 -2.24 22.26
C VAL A 128 -29.48 -0.98 22.30
N GLU A 129 -30.62 -1.04 22.99
CA GLU A 129 -31.50 0.12 23.04
C GLU A 129 -31.51 0.85 24.39
N GLN A 130 -31.61 0.09 25.47
CA GLN A 130 -31.69 0.65 26.82
C GLN A 130 -31.45 -0.40 27.87
N TRP A 131 -30.66 -0.03 28.88
CA TRP A 131 -30.52 -0.77 30.12
C TRP A 131 -31.29 0.00 31.20
N GLN A 132 -32.12 -0.70 31.96
CA GLN A 132 -32.92 -0.08 33.02
C GLN A 132 -33.08 -1.06 34.16
N ASP A 133 -32.52 -0.71 35.31
CA ASP A 133 -32.68 -1.49 36.55
C ASP A 133 -32.34 -2.97 36.34
N GLY A 134 -31.22 -3.19 35.65
CA GLY A 134 -30.67 -4.53 35.54
C GLY A 134 -31.19 -5.32 34.35
N VAL A 135 -32.07 -4.70 33.57
CA VAL A 135 -32.63 -5.35 32.38
C VAL A 135 -32.06 -4.67 31.15
N LEU A 136 -31.40 -5.44 30.29
CA LEU A 136 -30.86 -4.88 29.04
C LEU A 136 -31.84 -5.16 27.90
N ARG A 137 -32.32 -4.09 27.26
CA ARG A 137 -33.32 -4.22 26.20
C ARG A 137 -32.68 -4.03 24.84
N LEU A 138 -32.80 -5.05 24.00
CA LEU A 138 -32.28 -5.01 22.65
C LEU A 138 -33.45 -4.89 21.71
N ARG A 139 -33.31 -4.05 20.71
CA ARG A 139 -34.36 -3.93 19.69
C ARG A 139 -34.09 -4.94 18.55
N VAL A 140 -35.12 -5.63 18.10
CA VAL A 140 -34.98 -6.52 16.93
C VAL A 140 -36.08 -6.18 15.92
N GLU A 141 -35.71 -5.53 14.82
CA GLU A 141 -36.71 -5.15 13.82
C GLU A 141 -36.17 -5.18 12.39
N GLY A 142 -37.05 -4.95 11.42
CA GLY A 142 -36.64 -4.84 10.03
C GLY A 142 -36.52 -6.18 9.34
N GLY A 143 -36.40 -6.15 8.01
CA GLY A 143 -36.17 -7.36 7.22
C GLY A 143 -37.44 -8.07 6.75
N GLY A 144 -38.60 -7.53 7.13
CA GLY A 144 -39.88 -8.19 6.87
C GLY A 144 -40.11 -9.47 7.66
N SER A 145 -41.21 -10.16 7.34
CA SER A 145 -41.61 -11.34 8.09
C SER A 145 -42.47 -12.28 7.25
N ILE A 146 -42.77 -13.43 7.84
CA ILE A 146 -43.67 -14.39 7.26
C ILE A 146 -44.51 -14.93 8.39
N THR A 147 -45.59 -15.63 8.06
CA THR A 147 -46.38 -16.34 9.04
C THR A 147 -45.59 -17.54 9.57
N HIS A 148 -45.47 -17.61 10.88
CA HIS A 148 -44.61 -18.62 11.51
C HIS A 148 -45.02 -18.85 12.95
N SER A 149 -44.65 -20.00 13.50
CA SER A 149 -44.90 -20.32 14.89
C SER A 149 -43.60 -20.47 15.71
N ASN A 150 -42.46 -20.55 15.02
CA ASN A 150 -41.18 -20.86 15.66
C ASN A 150 -40.03 -20.01 15.12
N SER A 151 -39.07 -19.70 15.98
CA SER A 151 -37.92 -18.92 15.57
C SER A 151 -36.62 -19.61 15.97
N LYS A 152 -35.67 -19.63 15.04
CA LYS A 152 -34.35 -20.20 15.26
C LYS A 152 -33.36 -19.03 15.27
N TRP A 153 -32.89 -18.69 16.47
CA TRP A 153 -32.01 -17.54 16.65
C TRP A 153 -30.56 -17.98 16.58
N PRO A 154 -29.72 -17.16 15.94
CA PRO A 154 -28.30 -17.47 15.83
C PRO A 154 -27.62 -17.12 17.16
N ALA A 155 -26.39 -17.60 17.37
CA ALA A 155 -25.53 -17.05 18.44
C ALA A 155 -25.29 -15.58 18.12
N MET A 156 -25.40 -14.74 19.15
CA MET A 156 -25.28 -13.29 18.99
C MET A 156 -24.41 -12.77 20.11
N THR A 157 -23.36 -12.03 19.78
CA THR A 157 -22.61 -11.31 20.79
C THR A 157 -23.07 -9.85 20.82
N VAL A 158 -23.41 -9.38 22.02
CA VAL A 158 -23.77 -7.97 22.23
C VAL A 158 -22.72 -7.32 23.12
N SER A 159 -22.22 -6.16 22.68
CA SER A 159 -21.15 -5.45 23.37
C SER A 159 -21.50 -3.99 23.54
N TYR A 160 -21.01 -3.40 24.62
CA TYR A 160 -21.18 -1.95 24.84
C TYR A 160 -20.22 -1.46 25.94
N PRO A 161 -19.90 -0.14 25.93
CA PRO A 161 -19.05 0.39 26.98
C PRO A 161 -19.79 0.40 28.32
N ARG A 162 -19.04 0.08 29.36
CA ARG A 162 -19.59 -0.28 30.66
C ARG A 162 -19.35 0.90 31.60
N SER A 163 -20.29 1.15 32.51
N SER A 163 -20.28 1.13 32.52
CA SER A 163 -20.16 2.29 33.42
CA SER A 163 -20.20 2.24 33.47
C SER A 163 -19.05 2.04 34.44
C SER A 163 -19.03 2.03 34.46
N PHE A 164 -18.42 3.12 34.89
CA PHE A 164 -17.31 3.03 35.84
C PHE A 164 -17.53 3.92 37.06
N THR A 165 -18.56 4.74 37.00
CA THR A 165 -18.86 5.68 38.09
C THR A 165 -19.03 5.00 39.44
N PRO B 4 2.42 17.74 37.36
CA PRO B 4 3.06 17.90 36.05
C PRO B 4 3.55 16.58 35.46
N ASN B 5 3.50 15.52 36.26
CA ASN B 5 4.20 14.26 35.95
C ASN B 5 3.37 13.25 35.13
N LEU B 6 2.16 13.66 34.73
CA LEU B 6 1.17 12.75 34.15
C LEU B 6 0.86 13.09 32.69
N ARG B 7 0.57 12.06 31.89
CA ARG B 7 0.32 12.25 30.44
C ARG B 7 -0.97 11.51 30.06
N TYR B 8 -1.92 12.25 29.53
CA TYR B 8 -3.19 11.69 29.09
C TYR B 8 -2.93 10.41 28.26
N PRO B 9 -3.71 9.33 28.50
CA PRO B 9 -4.90 9.22 29.34
C PRO B 9 -4.68 8.98 30.85
N ILE B 10 -3.43 9.03 31.32
CA ILE B 10 -3.18 8.98 32.77
C ILE B 10 -3.45 10.38 33.33
N ALA B 11 -4.16 10.45 34.46
CA ALA B 11 -4.65 11.76 34.96
C ALA B 11 -4.82 11.73 36.45
N ASP B 12 -4.92 12.94 37.04
CA ASP B 12 -5.27 13.07 38.44
C ASP B 12 -6.69 12.67 38.63
N VAL B 13 -6.90 11.64 39.44
CA VAL B 13 -8.23 11.18 39.76
C VAL B 13 -8.34 11.19 41.27
N SER B 14 -9.24 12.04 41.76
CA SER B 14 -9.40 12.33 43.19
C SER B 14 -8.08 12.38 43.99
N GLY B 15 -7.09 13.12 43.47
CA GLY B 15 -5.81 13.33 44.19
C GLY B 15 -4.75 12.27 43.97
N GLY B 16 -5.09 11.23 43.22
CA GLY B 16 -4.17 10.16 42.91
C GLY B 16 -3.93 10.02 41.42
N ILE B 17 -3.17 9.00 41.07
CA ILE B 17 -2.91 8.66 39.68
C ILE B 17 -3.96 7.69 39.19
N GLY B 18 -4.73 8.12 38.19
CA GLY B 18 -5.76 7.26 37.61
C GLY B 18 -5.82 7.39 36.11
N MET B 19 -6.94 6.97 35.55
CA MET B 19 -7.18 7.02 34.11
C MET B 19 -8.23 8.09 33.84
N SER B 20 -7.93 9.02 32.93
CA SER B 20 -8.85 10.10 32.60
C SER B 20 -10.25 9.59 32.26
N PRO B 21 -11.28 10.10 32.96
CA PRO B 21 -12.65 9.72 32.61
C PRO B 21 -13.00 10.00 31.14
N ASN B 22 -12.46 11.06 30.57
CA ASN B 22 -12.68 11.40 29.16
CA ASN B 22 -12.65 11.40 29.17
C ASN B 22 -12.16 10.31 28.22
N TYR B 23 -11.03 9.70 28.57
CA TYR B 23 -10.49 8.59 27.79
C TYR B 23 -11.41 7.37 27.87
N ARG B 24 -11.97 7.15 29.06
CA ARG B 24 -12.83 5.99 29.30
C ARG B 24 -14.17 6.06 28.57
N PHE B 25 -14.75 7.26 28.47
CA PHE B 25 -16.05 7.45 27.82
C PHE B 25 -16.30 8.92 27.45
N ARG B 26 -16.63 9.14 26.18
CA ARG B 26 -17.00 10.44 25.68
C ARG B 26 -18.13 10.20 24.67
N GLN B 27 -19.19 10.99 24.79
CA GLN B 27 -20.32 10.89 23.87
C GLN B 27 -20.43 12.18 23.10
N SER B 28 -20.77 12.05 21.81
CA SER B 28 -20.91 13.22 20.95
C SER B 28 -21.96 12.88 19.92
N MET B 29 -21.97 13.65 18.84
CA MET B 29 -23.00 13.55 17.86
C MET B 29 -22.46 14.08 16.53
N TRP B 30 -22.89 13.45 15.45
CA TRP B 30 -22.66 13.96 14.08
C TRP B 30 -23.99 14.13 13.34
N ILE B 31 -24.26 15.37 12.94
CA ILE B 31 -25.45 15.65 12.14
C ILE B 31 -24.95 16.02 10.76
N GLY B 32 -25.08 15.12 9.80
CA GLY B 32 -24.29 15.28 8.59
C GLY B 32 -24.77 14.45 7.45
N ILE B 33 -23.98 14.47 6.38
CA ILE B 33 -24.38 13.87 5.11
C ILE B 33 -23.64 12.58 4.79
N VAL B 34 -24.43 11.54 4.51
CA VAL B 34 -23.93 10.28 4.00
C VAL B 34 -24.16 10.27 2.49
N SER B 35 -23.09 10.03 1.73
CA SER B 35 -23.15 10.02 0.27
C SER B 35 -22.83 8.64 -0.32
N TYR B 36 -23.71 8.16 -1.20
CA TYR B 36 -23.46 6.91 -1.94
C TYR B 36 -22.96 7.18 -3.35
N SER B 37 -21.93 6.44 -3.76
CA SER B 37 -21.43 6.48 -5.13
C SER B 37 -21.03 5.10 -5.61
N GLY B 38 -21.60 4.69 -6.74
CA GLY B 38 -21.29 3.38 -7.31
C GLY B 38 -21.75 3.25 -8.75
N SER B 39 -20.81 2.90 -9.63
CA SER B 39 -21.11 2.65 -11.03
C SER B 39 -22.03 3.73 -11.64
N GLY B 40 -21.70 5.00 -11.39
CA GLY B 40 -22.47 6.10 -11.97
C GLY B 40 -23.73 6.51 -11.20
N LEU B 41 -24.05 5.77 -10.13
CA LEU B 41 -25.14 6.18 -9.24
C LEU B 41 -24.60 7.06 -8.13
N ASN B 42 -25.32 8.14 -7.80
CA ASN B 42 -24.91 9.07 -6.75
C ASN B 42 -26.13 9.63 -6.07
N TRP B 43 -26.12 9.65 -4.74
CA TRP B 43 -27.16 10.30 -3.98
C TRP B 43 -26.63 10.57 -2.56
N ARG B 44 -27.32 11.43 -1.84
CA ARG B 44 -26.98 11.64 -0.44
C ARG B 44 -28.19 11.82 0.46
N VAL B 45 -28.01 11.53 1.75
CA VAL B 45 -29.08 11.70 2.74
C VAL B 45 -28.49 12.30 4.03
N GLN B 46 -29.32 13.01 4.78
CA GLN B 46 -28.87 13.50 6.08
C GLN B 46 -29.15 12.45 7.16
N VAL B 47 -28.20 12.29 8.10
CA VAL B 47 -28.44 11.44 9.27
C VAL B 47 -28.10 12.21 10.53
N ASN B 48 -28.79 11.89 11.61
CA ASN B 48 -28.41 12.36 12.92
C ASN B 48 -27.89 11.13 13.70
N SER B 49 -26.59 11.08 13.97
CA SER B 49 -25.96 9.90 14.59
C SER B 49 -25.22 10.21 15.91
N ASP B 50 -25.38 9.32 16.89
CA ASP B 50 -24.59 9.38 18.12
C ASP B 50 -23.17 8.93 17.81
N ILE B 51 -22.21 9.50 18.51
CA ILE B 51 -20.83 9.08 18.45
C ILE B 51 -20.36 8.75 19.87
N PHE B 52 -19.72 7.59 20.02
CA PHE B 52 -19.12 7.21 21.30
C PHE B 52 -17.62 6.97 21.12
N ILE B 53 -16.83 7.59 21.97
CA ILE B 53 -15.38 7.37 21.97
C ILE B 53 -14.97 6.69 23.28
N VAL B 54 -14.44 5.47 23.17
CA VAL B 54 -14.21 4.62 24.34
C VAL B 54 -12.83 4.00 24.23
N ASN B 55 -11.97 4.35 25.18
CA ASN B 55 -10.56 4.00 25.09
C ASN B 55 -10.03 4.41 23.72
N ASP B 56 -9.27 3.54 23.05
CA ASP B 56 -8.67 3.99 21.79
C ASP B 56 -9.54 3.75 20.53
N TYR B 57 -10.87 3.72 20.71
CA TYR B 57 -11.83 3.40 19.63
C TYR B 57 -12.89 4.48 19.46
N ILE B 58 -13.32 4.71 18.22
CA ILE B 58 -14.49 5.56 17.98
C ILE B 58 -15.61 4.72 17.38
N HIS B 59 -16.83 4.98 17.82
CA HIS B 59 -18.01 4.27 17.36
C HIS B 59 -19.01 5.28 16.79
N ILE B 60 -19.34 5.09 15.53
CA ILE B 60 -20.33 5.95 14.87
C ILE B 60 -21.61 5.17 14.68
N CYS B 61 -22.65 5.57 15.40
CA CYS B 61 -23.91 4.84 15.41
C CYS B 61 -24.91 5.41 14.43
N LEU B 62 -24.83 4.95 13.19
CA LEU B 62 -25.71 5.48 12.14
C LEU B 62 -27.10 4.90 12.33
N PRO B 63 -28.13 5.76 12.24
CA PRO B 63 -29.50 5.24 12.27
C PRO B 63 -29.89 4.72 10.88
N ALA B 64 -31.01 3.99 10.81
CA ALA B 64 -31.59 3.55 9.55
C ALA B 64 -31.86 4.78 8.67
N PHE B 65 -31.66 4.63 7.37
CA PHE B 65 -32.00 5.68 6.41
C PHE B 65 -32.46 5.10 5.08
N ASP B 66 -33.06 5.95 4.26
CA ASP B 66 -33.57 5.53 2.95
C ASP B 66 -32.76 6.25 1.88
N GLY B 67 -32.35 5.50 0.86
CA GLY B 67 -31.59 6.07 -0.24
C GLY B 67 -32.21 5.64 -1.55
N PHE B 68 -31.48 5.85 -2.64
CA PHE B 68 -31.97 5.45 -3.96
C PHE B 68 -31.16 4.26 -4.51
N SER B 69 -31.01 4.14 -5.83
CA SER B 69 -30.40 2.93 -6.38
C SER B 69 -28.97 2.78 -5.93
N ILE B 70 -28.57 1.54 -5.72
CA ILE B 70 -27.16 1.21 -5.50
C ILE B 70 -26.63 0.19 -6.51
N ALA B 71 -25.31 0.13 -6.63
CA ALA B 71 -24.66 -0.77 -7.54
C ALA B 71 -24.26 -2.02 -6.77
N ASP B 72 -23.81 -3.04 -7.53
CA ASP B 72 -23.26 -4.26 -6.95
CA ASP B 72 -23.28 -4.25 -6.90
C ASP B 72 -22.17 -3.90 -5.93
N GLY B 73 -21.27 -3.02 -6.34
CA GLY B 73 -20.22 -2.48 -5.45
C GLY B 73 -20.18 -0.96 -5.50
N GLY B 74 -19.93 -0.33 -4.35
CA GLY B 74 -19.99 1.13 -4.25
C GLY B 74 -19.42 1.59 -2.93
N ASP B 75 -19.47 2.90 -2.70
CA ASP B 75 -18.83 3.53 -1.56
C ASP B 75 -19.92 4.33 -0.85
N LEU B 76 -19.90 4.28 0.48
CA LEU B 76 -20.75 5.12 1.30
C LEU B 76 -19.77 6.01 2.08
N SER B 77 -19.91 7.34 1.95
CA SER B 77 -18.93 8.28 2.50
C SER B 77 -19.59 9.18 3.55
N LEU B 78 -18.96 9.27 4.72
CA LEU B 78 -19.48 10.11 5.81
C LEU B 78 -18.62 11.36 5.85
N ASN B 79 -19.25 12.51 5.65
CA ASN B 79 -18.51 13.76 5.61
C ASN B 79 -18.39 14.40 7.00
N PHE B 80 -17.28 14.13 7.69
CA PHE B 80 -17.03 14.63 9.05
C PHE B 80 -16.46 16.06 9.04
N VAL B 81 -16.25 16.63 7.86
CA VAL B 81 -15.81 18.05 7.76
C VAL B 81 -16.82 19.04 8.40
N THR B 82 -18.10 18.71 8.33
CA THR B 82 -19.17 19.49 8.97
C THR B 82 -19.99 18.57 9.86
N GLY B 83 -20.66 19.14 10.86
CA GLY B 83 -21.74 18.44 11.56
C GLY B 83 -21.42 17.81 12.91
N LEU B 84 -20.13 17.76 13.26
CA LEU B 84 -19.70 17.23 14.56
C LEU B 84 -20.03 18.22 15.68
N LEU B 85 -20.60 17.71 16.76
CA LEU B 85 -20.91 18.49 17.96
C LEU B 85 -19.66 18.98 18.64
N PRO B 86 -19.51 20.31 18.77
CA PRO B 86 -18.37 20.83 19.52
C PRO B 86 -18.37 20.21 20.93
N PRO B 87 -17.19 19.95 21.50
CA PRO B 87 -15.86 20.39 21.06
C PRO B 87 -15.13 19.38 20.14
N LEU B 88 -15.82 18.34 19.69
CA LEU B 88 -15.20 17.38 18.74
C LEU B 88 -14.87 18.10 17.44
N LEU B 89 -13.68 17.82 16.90
CA LEU B 89 -13.30 18.36 15.59
C LEU B 89 -13.12 17.24 14.55
N THR B 90 -13.17 17.62 13.27
CA THR B 90 -13.00 16.66 12.17
C THR B 90 -11.78 15.74 12.40
N GLY B 91 -10.66 16.32 12.84
CA GLY B 91 -9.43 15.57 13.18
C GLY B 91 -9.59 14.42 14.17
N ASP B 92 -10.57 14.54 15.05
CA ASP B 92 -10.84 13.53 16.08
C ASP B 92 -11.46 12.25 15.52
N THR B 93 -11.86 12.27 14.25
CA THR B 93 -12.41 11.09 13.58
C THR B 93 -11.37 10.35 12.74
N GLU B 94 -10.13 10.85 12.73
CA GLU B 94 -9.06 10.19 11.97
C GLU B 94 -8.68 8.85 12.62
N PRO B 95 -8.63 7.76 11.82
CA PRO B 95 -8.24 6.44 12.32
C PRO B 95 -6.78 6.41 12.75
N ALA B 96 -6.44 5.49 13.64
CA ALA B 96 -5.03 5.29 14.05
C ALA B 96 -4.14 4.81 12.90
N PHE B 97 -4.74 4.23 11.85
CA PHE B 97 -4.01 3.93 10.62
C PHE B 97 -4.05 5.10 9.60
N HIS B 98 -4.48 6.27 10.07
CA HIS B 98 -4.45 7.52 9.31
C HIS B 98 -5.20 7.44 7.96
N ASN B 99 -4.55 7.73 6.85
CA ASN B 99 -5.22 7.57 5.55
C ASN B 99 -4.80 6.29 4.80
N ASP B 100 -4.29 5.29 5.51
CA ASP B 100 -4.09 3.96 4.91
C ASP B 100 -5.37 3.37 4.35
N VAL B 101 -5.25 2.62 3.26
CA VAL B 101 -6.39 1.89 2.69
C VAL B 101 -6.44 0.55 3.40
N VAL B 102 -7.59 0.23 3.98
CA VAL B 102 -7.73 -0.98 4.79
C VAL B 102 -9.01 -1.74 4.43
N THR B 103 -9.21 -2.89 5.09
CA THR B 103 -10.45 -3.63 5.03
C THR B 103 -10.89 -3.89 6.48
N TYR B 104 -11.22 -2.80 7.18
CA TYR B 104 -11.36 -2.84 8.66
C TYR B 104 -12.81 -2.93 9.14
N GLY B 105 -13.10 -3.87 10.05
CA GLY B 105 -14.44 -4.01 10.64
C GLY B 105 -15.46 -4.46 9.60
N ALA B 106 -15.03 -5.37 8.71
CA ALA B 106 -15.93 -5.90 7.69
C ALA B 106 -17.08 -6.69 8.31
N GLN B 107 -18.30 -6.41 7.86
CA GLN B 107 -19.53 -6.96 8.42
C GLN B 107 -20.57 -7.21 7.32
N THR B 108 -21.69 -7.84 7.69
CA THR B 108 -22.81 -8.00 6.78
C THR B 108 -23.84 -6.95 7.09
N VAL B 109 -24.38 -6.29 6.08
CA VAL B 109 -25.48 -5.35 6.25
C VAL B 109 -26.60 -5.69 5.25
N ALA B 110 -27.84 -5.80 5.74
CA ALA B 110 -28.95 -6.23 4.90
C ALA B 110 -29.69 -4.99 4.46
N ILE B 111 -29.66 -4.75 3.15
CA ILE B 111 -30.29 -3.56 2.56
C ILE B 111 -31.52 -3.96 1.72
N GLY B 112 -32.64 -3.29 2.00
CA GLY B 112 -33.92 -3.59 1.34
C GLY B 112 -34.05 -2.82 0.03
N LEU B 113 -34.11 -3.55 -1.08
CA LEU B 113 -34.18 -2.93 -2.40
C LEU B 113 -35.60 -3.04 -2.94
N SER B 114 -36.13 -1.93 -3.43
CA SER B 114 -37.50 -1.92 -3.94
C SER B 114 -37.70 -0.88 -5.02
N SER B 115 -38.88 -0.89 -5.62
CA SER B 115 -39.27 0.18 -6.50
C SER B 115 -40.69 0.57 -6.15
N GLY B 116 -40.89 0.84 -4.87
CA GLY B 116 -42.18 1.25 -4.39
C GLY B 116 -42.87 0.20 -3.55
N GLY B 117 -42.78 -1.06 -3.98
CA GLY B 117 -43.41 -2.18 -3.29
C GLY B 117 -42.58 -2.83 -2.19
N THR B 118 -42.82 -4.12 -1.94
CA THR B 118 -42.17 -4.85 -0.85
C THR B 118 -40.68 -5.05 -1.17
N PRO B 119 -39.80 -4.58 -0.26
CA PRO B 119 -38.36 -4.69 -0.53
C PRO B 119 -37.85 -6.13 -0.52
N GLN B 120 -36.85 -6.40 -1.33
CA GLN B 120 -36.09 -7.63 -1.20
C GLN B 120 -34.76 -7.30 -0.51
N TYR B 121 -34.43 -8.05 0.53
CA TYR B 121 -33.25 -7.75 1.34
C TYR B 121 -32.01 -8.47 0.80
N MET B 122 -30.99 -7.69 0.48
CA MET B 122 -29.72 -8.19 -0.04
C MET B 122 -28.69 -8.14 1.07
N SER B 123 -27.96 -9.24 1.26
CA SER B 123 -26.90 -9.25 2.26
C SER B 123 -25.62 -8.72 1.66
N LYS B 124 -25.34 -7.44 1.90
CA LYS B 124 -24.11 -6.84 1.37
C LYS B 124 -23.00 -6.81 2.43
N ASN B 125 -21.77 -6.54 2.00
CA ASN B 125 -20.55 -6.65 2.82
C ASN B 125 -20.06 -5.21 2.97
N LEU B 126 -19.96 -4.73 4.20
CA LEU B 126 -19.51 -3.35 4.43
C LEU B 126 -18.26 -3.32 5.28
N TRP B 127 -17.30 -2.47 4.91
CA TRP B 127 -16.10 -2.22 5.73
C TRP B 127 -15.61 -0.78 5.72
N VAL B 128 -14.82 -0.40 6.71
CA VAL B 128 -14.10 0.87 6.67
C VAL B 128 -12.96 0.67 5.69
N GLU B 129 -12.89 1.54 4.68
CA GLU B 129 -11.82 1.43 3.68
C GLU B 129 -10.74 2.49 3.80
N GLN B 130 -11.15 3.76 3.89
CA GLN B 130 -10.18 4.86 3.97
C GLN B 130 -10.80 6.14 4.52
N TRP B 131 -10.05 6.80 5.39
CA TRP B 131 -10.35 8.16 5.86
C TRP B 131 -9.39 9.11 5.17
N GLN B 132 -9.93 10.17 4.58
CA GLN B 132 -9.12 11.13 3.82
C GLN B 132 -9.70 12.53 3.99
N ASP B 133 -8.92 13.44 4.58
CA ASP B 133 -9.31 14.85 4.78
C ASP B 133 -10.72 14.98 5.38
N GLY B 134 -11.00 14.18 6.40
CA GLY B 134 -12.28 14.30 7.12
C GLY B 134 -13.45 13.52 6.54
N VAL B 135 -13.22 12.80 5.44
CA VAL B 135 -14.26 11.98 4.82
C VAL B 135 -13.95 10.52 5.08
N LEU B 136 -14.88 9.81 5.73
CA LEU B 136 -14.73 8.37 5.98
C LEU B 136 -15.40 7.57 4.88
N ARG B 137 -14.62 6.83 4.12
CA ARG B 137 -15.18 6.04 3.00
C ARG B 137 -15.38 4.57 3.42
N LEU B 138 -16.62 4.08 3.28
CA LEU B 138 -16.99 2.70 3.58
C LEU B 138 -17.26 1.98 2.27
N ARG B 139 -16.65 0.82 2.06
CA ARG B 139 -16.97 0.01 0.89
C ARG B 139 -18.23 -0.81 1.18
N VAL B 140 -19.15 -0.84 0.22
CA VAL B 140 -20.35 -1.65 0.30
C VAL B 140 -20.46 -2.47 -0.99
N GLU B 141 -20.22 -3.78 -0.89
CA GLU B 141 -20.24 -4.64 -2.09
C GLU B 141 -20.72 -6.06 -1.78
N GLY B 142 -20.90 -6.87 -2.83
CA GLY B 142 -21.29 -8.26 -2.66
C GLY B 142 -22.76 -8.47 -2.40
N GLY B 143 -23.19 -9.74 -2.42
CA GLY B 143 -24.58 -10.09 -2.11
C GLY B 143 -25.50 -10.09 -3.33
N GLY B 144 -24.95 -9.70 -4.49
CA GLY B 144 -25.75 -9.60 -5.69
C GLY B 144 -26.74 -8.44 -5.64
N SER B 145 -27.60 -8.35 -6.66
CA SER B 145 -28.47 -7.20 -6.81
C SER B 145 -29.78 -7.56 -7.52
N ILE B 146 -30.69 -6.59 -7.56
CA ILE B 146 -31.90 -6.69 -8.36
C ILE B 146 -32.11 -5.29 -8.96
N THR B 147 -32.94 -5.21 -10.00
CA THR B 147 -33.39 -3.91 -10.50
C THR B 147 -34.20 -3.21 -9.42
N HIS B 148 -33.88 -1.94 -9.14
CA HIS B 148 -34.57 -1.21 -8.08
C HIS B 148 -34.33 0.29 -8.20
N SER B 149 -35.18 1.07 -7.56
CA SER B 149 -35.04 2.54 -7.53
C SER B 149 -34.80 3.10 -6.13
N ASN B 150 -35.07 2.29 -5.10
CA ASN B 150 -34.95 2.73 -3.71
C ASN B 150 -34.20 1.71 -2.83
N SER B 151 -33.55 2.20 -1.79
CA SER B 151 -32.83 1.33 -0.85
C SER B 151 -33.19 1.67 0.59
N LYS B 152 -33.51 0.65 1.38
CA LYS B 152 -33.79 0.82 2.79
C LYS B 152 -32.59 0.31 3.59
N TRP B 153 -31.82 1.25 4.14
CA TRP B 153 -30.60 0.86 4.87
C TRP B 153 -30.89 0.61 6.34
N PRO B 154 -30.24 -0.40 6.94
CA PRO B 154 -30.50 -0.68 8.35
C PRO B 154 -29.71 0.32 9.20
N ALA B 155 -29.98 0.36 10.50
CA ALA B 155 -29.04 0.98 11.43
C ALA B 155 -27.71 0.24 11.38
N MET B 156 -26.62 0.98 11.36
CA MET B 156 -25.29 0.41 11.25
C MET B 156 -24.32 1.10 12.19
N THR B 157 -23.59 0.32 12.97
CA THR B 157 -22.50 0.89 13.79
C THR B 157 -21.15 0.69 13.09
N VAL B 158 -20.41 1.79 12.93
CA VAL B 158 -19.11 1.81 12.28
C VAL B 158 -18.06 2.18 13.33
N SER B 159 -17.11 1.27 13.55
CA SER B 159 -16.11 1.40 14.63
C SER B 159 -14.69 1.22 14.09
N TYR B 160 -13.74 1.94 14.67
CA TYR B 160 -12.31 1.77 14.33
C TYR B 160 -11.43 2.45 15.39
N PRO B 161 -10.16 2.03 15.47
CA PRO B 161 -9.25 2.68 16.41
C PRO B 161 -8.87 4.09 15.95
N ARG B 162 -8.81 4.99 16.91
CA ARG B 162 -8.75 6.42 16.65
C ARG B 162 -7.34 6.92 16.86
N SER B 163 -6.91 7.84 16.00
CA SER B 163 -5.61 8.47 16.11
C SER B 163 -5.42 9.17 17.47
N PHE B 164 -4.20 9.11 17.98
CA PHE B 164 -3.81 9.84 19.20
C PHE B 164 -2.49 10.64 19.01
N THR B 165 -1.81 10.39 17.90
CA THR B 165 -0.76 11.28 17.37
C THR B 165 -0.91 11.37 15.86
N SER C 3 10.24 3.58 32.99
CA SER C 3 10.95 3.63 34.30
C SER C 3 10.92 2.24 34.97
N PRO C 4 11.92 1.94 35.82
CA PRO C 4 11.89 0.69 36.61
C PRO C 4 10.64 0.57 37.48
N ASN C 5 9.97 1.69 37.73
CA ASN C 5 8.82 1.73 38.62
C ASN C 5 7.48 1.79 37.87
N LEU C 6 7.55 1.69 36.56
CA LEU C 6 6.36 1.60 35.71
C LEU C 6 6.25 0.20 35.11
N ARG C 7 5.04 -0.24 34.83
CA ARG C 7 4.82 -1.58 34.29
C ARG C 7 3.91 -1.46 33.06
N TYR C 8 4.38 -2.00 31.94
CA TYR C 8 3.61 -2.00 30.70
C TYR C 8 2.18 -2.48 30.98
N PRO C 9 1.17 -1.80 30.41
CA PRO C 9 1.25 -0.71 29.44
C PRO C 9 1.46 0.70 29.98
N ILE C 10 1.65 0.87 31.29
CA ILE C 10 2.03 2.19 31.81
C ILE C 10 3.49 2.39 31.46
N ALA C 11 3.85 3.61 31.03
CA ALA C 11 5.17 3.85 30.47
C ALA C 11 5.56 5.33 30.51
N ASP C 12 6.86 5.56 30.41
CA ASP C 12 7.44 6.89 30.27
C ASP C 12 7.01 7.47 28.94
N VAL C 13 6.29 8.58 28.97
CA VAL C 13 5.85 9.26 27.76
C VAL C 13 6.25 10.72 27.86
N SER C 14 7.20 11.13 27.01
CA SER C 14 7.88 12.42 27.13
C SER C 14 8.16 12.85 28.59
N GLY C 15 8.89 11.99 29.31
CA GLY C 15 9.40 12.28 30.65
C GLY C 15 8.44 12.03 31.79
N GLY C 16 7.18 11.74 31.45
CA GLY C 16 6.14 11.52 32.45
C GLY C 16 5.55 10.12 32.46
N ILE C 17 4.57 9.92 33.33
CA ILE C 17 3.82 8.67 33.41
C ILE C 17 2.69 8.69 32.41
N GLY C 18 2.79 7.84 31.40
CA GLY C 18 1.75 7.75 30.40
C GLY C 18 1.39 6.31 30.04
N MET C 19 0.70 6.18 28.90
CA MET C 19 0.32 4.89 28.36
C MET C 19 1.20 4.63 27.14
N SER C 20 1.86 3.47 27.08
CA SER C 20 2.71 3.09 25.96
C SER C 20 1.96 3.20 24.63
N PRO C 21 2.53 3.95 23.66
CA PRO C 21 1.92 4.04 22.33
C PRO C 21 1.74 2.68 21.67
N ASN C 22 2.66 1.76 21.95
CA ASN C 22 2.60 0.41 21.39
C ASN C 22 1.37 -0.36 21.89
N TYR C 23 0.97 -0.10 23.13
CA TYR C 23 -0.28 -0.67 23.67
C TYR C 23 -1.52 -0.04 23.00
N ARG C 24 -1.46 1.26 22.78
CA ARG C 24 -2.59 1.97 22.19
C ARG C 24 -2.85 1.59 20.72
N PHE C 25 -1.77 1.36 19.95
CA PHE C 25 -1.92 0.94 18.55
C PHE C 25 -0.68 0.22 18.03
N ARG C 26 -0.89 -0.96 17.46
CA ARG C 26 0.19 -1.74 16.83
C ARG C 26 -0.40 -2.40 15.58
N GLN C 27 0.24 -2.19 14.43
CA GLN C 27 -0.22 -2.75 13.18
C GLN C 27 0.75 -3.84 12.74
N SER C 28 0.21 -4.88 12.13
CA SER C 28 1.04 -5.94 11.60
C SER C 28 0.33 -6.50 10.37
N MET C 29 0.73 -7.69 9.95
CA MET C 29 0.16 -8.34 8.78
C MET C 29 0.37 -9.84 8.92
N TRP C 30 -0.57 -10.61 8.38
CA TRP C 30 -0.45 -12.05 8.23
C TRP C 30 -0.67 -12.39 6.77
N ILE C 31 0.30 -13.08 6.17
CA ILE C 31 0.12 -13.62 4.85
C ILE C 31 0.22 -15.13 5.01
N GLY C 32 -0.92 -15.80 4.91
CA GLY C 32 -0.99 -17.19 5.31
C GLY C 32 -2.25 -17.92 4.87
N ILE C 33 -2.41 -19.14 5.38
CA ILE C 33 -3.38 -20.08 4.84
C ILE C 33 -4.60 -20.14 5.74
N VAL C 34 -5.76 -19.90 5.14
CA VAL C 34 -7.08 -20.16 5.72
C VAL C 34 -7.56 -21.54 5.21
N SER C 35 -7.92 -22.43 6.12
CA SER C 35 -8.35 -23.77 5.76
C SER C 35 -9.81 -23.99 6.18
N TYR C 36 -10.62 -24.52 5.28
CA TYR C 36 -11.99 -24.92 5.62
C TYR C 36 -12.08 -26.44 5.81
N SER C 37 -12.78 -26.86 6.86
CA SER C 37 -13.13 -28.27 7.07
C SER C 37 -14.56 -28.42 7.57
N GLY C 38 -15.37 -29.18 6.85
CA GLY C 38 -16.71 -29.51 7.30
C GLY C 38 -17.29 -30.71 6.58
N SER C 39 -17.80 -31.67 7.35
CA SER C 39 -18.53 -32.83 6.80
C SER C 39 -17.76 -33.49 5.65
N GLY C 40 -16.45 -33.67 5.83
CA GLY C 40 -15.65 -34.35 4.81
C GLY C 40 -15.12 -33.43 3.71
N LEU C 41 -15.55 -32.17 3.70
CA LEU C 41 -15.03 -31.22 2.73
C LEU C 41 -13.82 -30.48 3.29
N ASN C 42 -12.79 -30.33 2.48
CA ASN C 42 -11.54 -29.67 2.92
C ASN C 42 -10.95 -28.88 1.76
N TRP C 43 -10.63 -27.62 2.00
CA TRP C 43 -9.85 -26.83 1.05
C TRP C 43 -9.09 -25.74 1.78
N ARG C 44 -8.13 -25.13 1.09
CA ARG C 44 -7.34 -24.03 1.66
C ARG C 44 -7.08 -22.94 0.65
N VAL C 45 -6.93 -21.73 1.16
CA VAL C 45 -6.66 -20.56 0.32
CA VAL C 45 -6.70 -20.53 0.34
C VAL C 45 -5.66 -19.65 1.03
N GLN C 46 -4.80 -18.97 0.27
CA GLN C 46 -3.89 -18.00 0.86
C GLN C 46 -4.51 -16.59 0.84
N VAL C 47 -4.39 -15.87 1.97
CA VAL C 47 -4.86 -14.48 2.06
C VAL C 47 -3.77 -13.54 2.59
N ASN C 48 -3.91 -12.25 2.25
CA ASN C 48 -3.10 -11.18 2.82
C ASN C 48 -4.04 -10.42 3.77
N SER C 49 -3.70 -10.34 5.05
CA SER C 49 -4.60 -9.69 6.02
CA SER C 49 -4.59 -9.68 6.01
C SER C 49 -3.84 -8.74 6.95
N ASP C 50 -4.32 -7.50 7.09
CA ASP C 50 -3.81 -6.59 8.11
C ASP C 50 -4.18 -7.11 9.50
N ILE C 51 -3.28 -6.94 10.47
CA ILE C 51 -3.62 -7.17 11.88
C ILE C 51 -3.48 -5.85 12.64
N PHE C 52 -4.46 -5.53 13.47
CA PHE C 52 -4.35 -4.35 14.32
C PHE C 52 -4.54 -4.76 15.78
N ILE C 53 -3.57 -4.41 16.61
CA ILE C 53 -3.71 -4.67 18.05
C ILE C 53 -3.93 -3.31 18.74
N VAL C 54 -5.04 -3.21 19.46
CA VAL C 54 -5.46 -1.93 20.05
C VAL C 54 -5.95 -2.22 21.48
N ASN C 55 -5.25 -1.65 22.46
CA ASN C 55 -5.48 -1.96 23.85
C ASN C 55 -5.42 -3.49 24.02
N ASP C 56 -6.36 -4.06 24.75
CA ASP C 56 -6.29 -5.50 25.02
C ASP C 56 -6.99 -6.41 23.98
N TYR C 57 -7.16 -5.89 22.75
CA TYR C 57 -7.82 -6.61 21.65
C TYR C 57 -6.90 -6.81 20.42
N ILE C 58 -7.12 -7.91 19.70
CA ILE C 58 -6.47 -8.10 18.40
C ILE C 58 -7.56 -8.18 17.34
N HIS C 59 -7.33 -7.51 16.23
CA HIS C 59 -8.25 -7.54 15.09
C HIS C 59 -7.55 -8.13 13.88
N ILE C 60 -8.11 -9.20 13.35
CA ILE C 60 -7.55 -9.78 12.14
C ILE C 60 -8.51 -9.47 10.98
N CYS C 61 -8.05 -8.63 10.05
CA CYS C 61 -8.91 -8.14 8.97
C CYS C 61 -8.80 -8.98 7.72
N LEU C 62 -9.60 -10.04 7.64
CA LEU C 62 -9.53 -10.94 6.48
C LEU C 62 -10.19 -10.25 5.31
N PRO C 63 -9.57 -10.35 4.11
CA PRO C 63 -10.16 -9.83 2.89
C PRO C 63 -11.15 -10.84 2.31
N ALA C 64 -11.96 -10.42 1.34
CA ALA C 64 -12.82 -11.34 0.61
C ALA C 64 -11.97 -12.43 -0.03
N PHE C 65 -12.49 -13.64 -0.12
CA PHE C 65 -11.79 -14.74 -0.81
C PHE C 65 -12.75 -15.77 -1.37
N ASP C 66 -12.25 -16.64 -2.25
CA ASP C 66 -13.10 -17.67 -2.83
C ASP C 66 -12.62 -19.05 -2.42
N GLY C 67 -13.57 -19.90 -2.10
CA GLY C 67 -13.27 -21.27 -1.75
C GLY C 67 -14.15 -22.24 -2.54
N PHE C 68 -14.17 -23.48 -2.09
CA PHE C 68 -14.95 -24.50 -2.78
C PHE C 68 -16.16 -24.89 -1.93
N SER C 69 -16.61 -26.14 -2.01
CA SER C 69 -17.86 -26.52 -1.32
C SER C 69 -17.74 -26.34 0.18
N ILE C 70 -18.82 -25.87 0.80
CA ILE C 70 -18.90 -25.83 2.26
C ILE C 70 -20.08 -26.67 2.75
N ALA C 71 -20.00 -27.10 4.01
CA ALA C 71 -21.06 -27.86 4.68
C ALA C 71 -22.02 -26.92 5.41
N ASP C 72 -23.13 -27.48 5.88
CA ASP C 72 -24.07 -26.78 6.72
C ASP C 72 -23.36 -26.16 7.95
N GLY C 73 -22.53 -26.97 8.61
CA GLY C 73 -21.62 -26.50 9.65
C GLY C 73 -20.18 -26.92 9.37
N GLY C 74 -19.25 -26.05 9.71
CA GLY C 74 -17.83 -26.33 9.47
C GLY C 74 -16.94 -25.36 10.21
N ASP C 75 -15.64 -25.58 10.07
CA ASP C 75 -14.62 -24.78 10.75
C ASP C 75 -13.75 -24.06 9.71
N LEU C 76 -13.47 -22.79 9.96
CA LEU C 76 -12.47 -22.05 9.19
C LEU C 76 -11.26 -21.79 10.10
N SER C 77 -10.08 -22.26 9.69
CA SER C 77 -8.89 -22.20 10.54
C SER C 77 -7.85 -21.27 9.96
N LEU C 78 -7.29 -20.41 10.80
CA LEU C 78 -6.25 -19.49 10.38
C LEU C 78 -4.96 -19.97 11.00
N ASN C 79 -4.00 -20.37 10.17
CA ASN C 79 -2.74 -20.89 10.69
C ASN C 79 -1.69 -19.78 10.95
N PHE C 80 -1.62 -19.31 12.18
CA PHE C 80 -0.70 -18.23 12.52
C PHE C 80 0.72 -18.76 12.86
N VAL C 81 0.91 -20.09 12.78
CA VAL C 81 2.26 -20.64 13.04
C VAL C 81 3.30 -20.06 12.06
N THR C 82 2.88 -19.80 10.82
CA THR C 82 3.71 -19.07 9.86
C THR C 82 2.93 -17.91 9.25
N GLY C 83 3.64 -16.96 8.63
CA GLY C 83 3.02 -15.87 7.89
C GLY C 83 2.94 -14.50 8.56
N LEU C 84 3.19 -14.46 9.87
CA LEU C 84 3.12 -13.20 10.62
C LEU C 84 4.34 -12.34 10.35
N LEU C 85 4.12 -11.05 10.13
CA LEU C 85 5.21 -10.10 9.93
C LEU C 85 6.02 -9.92 11.21
N PRO C 86 7.31 -10.27 11.19
CA PRO C 86 8.13 -9.95 12.37
C PRO C 86 8.09 -8.46 12.70
N PRO C 87 8.14 -8.11 14.00
CA PRO C 87 8.43 -8.97 15.14
C PRO C 87 7.25 -9.65 15.84
N LEU C 88 6.04 -9.55 15.27
CA LEU C 88 4.88 -10.28 15.81
C LEU C 88 5.13 -11.78 15.73
N LEU C 89 4.80 -12.49 16.82
CA LEU C 89 5.01 -13.93 16.91
C LEU C 89 3.70 -14.68 17.06
N THR C 90 3.71 -15.96 16.71
CA THR C 90 2.52 -16.81 16.86
C THR C 90 1.82 -16.61 18.21
N GLY C 91 2.60 -16.55 19.28
CA GLY C 91 2.05 -16.40 20.65
C GLY C 91 1.28 -15.11 20.89
N ASP C 92 1.61 -14.09 20.11
CA ASP C 92 0.94 -12.79 20.18
C ASP C 92 -0.50 -12.84 19.70
N THR C 93 -0.87 -13.95 19.05
CA THR C 93 -2.25 -14.14 18.59
C THR C 93 -3.12 -14.93 19.58
N GLU C 94 -2.54 -15.40 20.69
CA GLU C 94 -3.29 -16.19 21.65
C GLU C 94 -4.33 -15.31 22.36
N PRO C 95 -5.59 -15.79 22.45
CA PRO C 95 -6.66 -15.04 23.17
C PRO C 95 -6.37 -14.95 24.67
N ALA C 96 -7.00 -13.99 25.36
CA ALA C 96 -6.89 -13.92 26.80
C ALA C 96 -7.63 -15.10 27.49
N PHE C 97 -8.49 -15.78 26.73
CA PHE C 97 -9.13 -17.01 27.23
C PHE C 97 -8.33 -18.26 26.79
N HIS C 98 -7.11 -18.02 26.33
CA HIS C 98 -6.16 -19.08 26.03
C HIS C 98 -6.74 -20.13 25.06
N ASN C 99 -6.80 -21.40 25.44
CA ASN C 99 -7.38 -22.39 24.51
C ASN C 99 -8.78 -22.87 24.93
N ASP C 100 -9.48 -22.03 25.70
CA ASP C 100 -10.88 -22.30 26.05
C ASP C 100 -11.73 -22.39 24.77
N VAL C 101 -12.80 -23.17 24.84
CA VAL C 101 -13.77 -23.24 23.76
C VAL C 101 -14.86 -22.21 24.06
N VAL C 102 -15.05 -21.28 23.13
CA VAL C 102 -15.99 -20.18 23.31
C VAL C 102 -16.95 -19.97 22.12
N THR C 103 -17.81 -18.96 22.27
CA THR C 103 -18.75 -18.59 21.23
C THR C 103 -18.60 -17.08 21.08
N TYR C 104 -17.37 -16.65 20.77
CA TYR C 104 -17.02 -15.23 20.93
C TYR C 104 -17.15 -14.43 19.64
N GLY C 105 -17.82 -13.28 19.73
CA GLY C 105 -17.88 -12.36 18.59
C GLY C 105 -18.82 -12.89 17.50
N ALA C 106 -19.82 -13.66 17.92
CA ALA C 106 -20.75 -14.29 16.99
C ALA C 106 -21.39 -13.22 16.11
N GLN C 107 -21.46 -13.49 14.81
CA GLN C 107 -21.98 -12.52 13.84
C GLN C 107 -22.62 -13.25 12.65
N THR C 108 -23.28 -12.47 11.78
CA THR C 108 -23.79 -12.94 10.47
C THR C 108 -22.70 -12.81 9.42
N VAL C 109 -22.57 -13.83 8.58
CA VAL C 109 -21.66 -13.75 7.44
C VAL C 109 -22.43 -14.29 6.22
N ALA C 110 -22.54 -13.51 5.15
CA ALA C 110 -23.26 -13.96 3.95
C ALA C 110 -22.27 -14.54 2.98
N ILE C 111 -22.47 -15.81 2.64
CA ILE C 111 -21.53 -16.55 1.78
C ILE C 111 -22.26 -16.92 0.47
N GLY C 112 -21.66 -16.58 -0.68
CA GLY C 112 -22.31 -16.80 -1.99
C GLY C 112 -21.94 -18.17 -2.55
N LEU C 113 -22.93 -19.04 -2.67
CA LEU C 113 -22.71 -20.40 -3.12
C LEU C 113 -23.14 -20.52 -4.58
N SER C 114 -22.32 -21.21 -5.36
CA SER C 114 -22.64 -21.34 -6.79
C SER C 114 -21.95 -22.57 -7.39
N SER C 115 -22.25 -22.81 -8.66
CA SER C 115 -21.57 -23.81 -9.48
C SER C 115 -21.07 -23.10 -10.73
N GLY C 116 -20.54 -21.91 -10.53
CA GLY C 116 -19.96 -21.15 -11.62
C GLY C 116 -20.78 -19.96 -12.03
N GLY C 117 -22.10 -20.03 -11.80
CA GLY C 117 -23.03 -18.97 -12.24
C GLY C 117 -23.33 -17.99 -11.13
N THR C 118 -24.52 -17.40 -11.15
CA THR C 118 -24.83 -16.35 -10.16
C THR C 118 -25.00 -16.96 -8.76
N PRO C 119 -24.19 -16.45 -7.79
CA PRO C 119 -24.24 -17.01 -6.42
C PRO C 119 -25.61 -16.84 -5.75
N GLN C 120 -26.02 -17.83 -4.96
CA GLN C 120 -27.08 -17.64 -3.99
C GLN C 120 -26.44 -17.40 -2.62
N TYR C 121 -26.80 -16.30 -1.96
CA TYR C 121 -26.15 -15.97 -0.69
C TYR C 121 -26.89 -16.58 0.50
N MET C 122 -26.16 -17.33 1.32
CA MET C 122 -26.68 -17.88 2.56
C MET C 122 -26.18 -17.09 3.75
N SER C 123 -27.10 -16.85 4.68
CA SER C 123 -26.80 -16.10 5.89
C SER C 123 -26.31 -17.06 6.93
N LYS C 124 -24.99 -17.19 7.06
CA LYS C 124 -24.42 -18.11 8.03
C LYS C 124 -24.00 -17.34 9.32
N ASN C 125 -23.64 -18.08 10.37
CA ASN C 125 -23.37 -17.56 11.71
C ASN C 125 -21.89 -17.93 11.97
N LEU C 126 -21.03 -16.92 12.15
CA LEU C 126 -19.61 -17.15 12.42
C LEU C 126 -19.22 -16.68 13.82
N TRP C 127 -18.35 -17.43 14.48
CA TRP C 127 -17.77 -16.97 15.75
C TRP C 127 -16.37 -17.53 15.98
N VAL C 128 -15.60 -16.85 16.82
CA VAL C 128 -14.35 -17.36 17.31
C VAL C 128 -14.67 -18.52 18.27
N GLU C 129 -14.17 -19.72 17.98
CA GLU C 129 -14.45 -20.85 18.86
C GLU C 129 -13.25 -21.31 19.70
N GLN C 130 -12.06 -21.40 19.10
CA GLN C 130 -10.90 -21.89 19.85
C GLN C 130 -9.59 -21.55 19.15
N TRP C 131 -8.62 -21.10 19.93
CA TRP C 131 -7.23 -21.02 19.49
C TRP C 131 -6.45 -22.16 20.14
N GLN C 132 -5.69 -22.88 19.34
CA GLN C 132 -4.90 -24.00 19.83
C GLN C 132 -3.59 -24.12 19.06
N ASP C 133 -2.48 -24.01 19.77
CA ASP C 133 -1.15 -24.18 19.16
C ASP C 133 -0.97 -23.30 17.94
N GLY C 134 -1.37 -22.04 18.06
CA GLY C 134 -1.15 -21.08 16.98
C GLY C 134 -2.16 -21.13 15.84
N VAL C 135 -3.17 -21.99 15.93
CA VAL C 135 -4.25 -22.03 14.94
C VAL C 135 -5.57 -21.50 15.53
N LEU C 136 -6.10 -20.43 14.94
CA LEU C 136 -7.39 -19.86 15.35
C LEU C 136 -8.53 -20.54 14.58
N ARG C 137 -9.44 -21.19 15.30
CA ARG C 137 -10.56 -21.88 14.67
C ARG C 137 -11.87 -21.10 14.83
N LEU C 138 -12.49 -20.81 13.70
CA LEU C 138 -13.77 -20.10 13.67
C LEU C 138 -14.83 -21.10 13.23
N ARG C 139 -15.97 -21.09 13.91
CA ARG C 139 -17.08 -21.95 13.53
C ARG C 139 -17.94 -21.21 12.53
N VAL C 140 -18.38 -21.90 11.48
CA VAL C 140 -19.27 -21.30 10.47
C VAL C 140 -20.43 -22.24 10.23
N GLU C 141 -21.62 -21.88 10.70
CA GLU C 141 -22.76 -22.75 10.58
C GLU C 141 -24.07 -22.03 10.39
N GLY C 142 -25.12 -22.78 10.05
CA GLY C 142 -26.48 -22.23 10.03
C GLY C 142 -26.86 -21.62 8.70
N GLY C 143 -28.12 -21.25 8.59
CA GLY C 143 -28.58 -20.54 7.40
C GLY C 143 -29.01 -21.46 6.27
N GLY C 144 -28.90 -22.76 6.49
CA GLY C 144 -29.16 -23.72 5.43
C GLY C 144 -28.14 -23.69 4.29
N SER C 145 -28.42 -24.48 3.24
CA SER C 145 -27.44 -24.70 2.18
C SER C 145 -28.14 -25.00 0.86
N ILE C 146 -27.35 -25.00 -0.21
CA ILE C 146 -27.79 -25.50 -1.52
C ILE C 146 -26.70 -26.41 -2.11
N THR C 147 -27.04 -27.13 -3.18
CA THR C 147 -26.01 -27.85 -3.94
C THR C 147 -25.08 -26.84 -4.64
N HIS C 148 -23.77 -27.00 -4.47
CA HIS C 148 -22.82 -26.03 -5.02
C HIS C 148 -21.43 -26.60 -5.04
N SER C 149 -20.53 -25.95 -5.77
CA SER C 149 -19.13 -26.37 -5.82
C SER C 149 -18.15 -25.24 -5.51
N ASN C 150 -18.66 -24.01 -5.41
CA ASN C 150 -17.83 -22.84 -5.13
C ASN C 150 -18.48 -21.94 -4.07
N SER C 151 -17.65 -21.26 -3.29
CA SER C 151 -18.10 -20.34 -2.27
C SER C 151 -17.37 -19.01 -2.36
N LYS C 152 -18.15 -17.94 -2.31
CA LYS C 152 -17.63 -16.58 -2.36
C LYS C 152 -17.75 -16.00 -0.94
N TRP C 153 -16.61 -15.88 -0.27
CA TRP C 153 -16.61 -15.41 1.10
C TRP C 153 -16.44 -13.88 1.16
N PRO C 154 -17.16 -13.24 2.10
CA PRO C 154 -17.04 -11.79 2.24
C PRO C 154 -15.79 -11.46 3.04
N ALA C 155 -15.35 -10.21 2.99
CA ALA C 155 -14.38 -9.73 3.96
C ALA C 155 -14.98 -9.91 5.35
N MET C 156 -14.16 -10.38 6.28
CA MET C 156 -14.58 -10.65 7.66
C MET C 156 -13.51 -10.19 8.61
N THR C 157 -13.88 -9.33 9.56
CA THR C 157 -12.94 -8.97 10.63
C THR C 157 -13.19 -9.85 11.86
N VAL C 158 -12.12 -10.52 12.29
CA VAL C 158 -12.12 -11.43 13.44
C VAL C 158 -11.44 -10.71 14.60
N SER C 159 -12.17 -10.48 15.69
CA SER C 159 -11.63 -9.77 16.85
C SER C 159 -11.82 -10.57 18.13
N TYR C 160 -10.86 -10.42 19.05
CA TYR C 160 -10.95 -11.05 20.38
C TYR C 160 -9.90 -10.48 21.35
N PRO C 161 -10.12 -10.65 22.66
CA PRO C 161 -9.18 -10.15 23.67
C PRO C 161 -7.89 -10.96 23.62
N ARG C 162 -6.77 -10.26 23.56
CA ARG C 162 -5.45 -10.84 23.39
C ARG C 162 -4.78 -11.12 24.75
N SER C 163 -4.14 -12.27 24.90
CA SER C 163 -3.44 -12.61 26.14
C SER C 163 -2.29 -11.63 26.44
N PHE C 164 -2.06 -11.39 27.72
CA PHE C 164 -1.00 -10.43 28.14
C PHE C 164 -0.03 -11.07 29.14
N ASN D 5 49.85 7.13 2.92
CA ASN D 5 49.24 8.47 3.09
C ASN D 5 47.88 8.57 2.39
N LEU D 6 47.89 8.47 1.06
CA LEU D 6 46.68 8.69 0.27
C LEU D 6 46.25 7.45 -0.50
N ARG D 7 44.94 7.16 -0.45
CA ARG D 7 44.38 5.98 -1.10
C ARG D 7 43.39 6.40 -2.19
N TYR D 8 43.66 5.96 -3.43
CA TYR D 8 42.75 6.24 -4.54
C TYR D 8 41.33 5.85 -4.10
N PRO D 9 40.31 6.69 -4.42
CA PRO D 9 40.28 7.86 -5.30
C PRO D 9 40.73 9.17 -4.67
N ILE D 10 41.20 9.12 -3.42
CA ILE D 10 41.75 10.30 -2.78
C ILE D 10 43.18 10.47 -3.29
N ALA D 11 43.53 11.68 -3.69
CA ALA D 11 44.76 11.88 -4.46
C ALA D 11 45.35 13.27 -4.30
N ASP D 12 46.65 13.38 -4.55
CA ASP D 12 47.29 14.68 -4.69
C ASP D 12 46.81 15.34 -5.98
N VAL D 13 46.20 16.51 -5.86
CA VAL D 13 45.80 17.28 -7.04
C VAL D 13 46.67 18.52 -7.29
N SER D 14 46.25 19.67 -6.77
CA SER D 14 47.03 20.90 -6.95
C SER D 14 47.70 21.30 -5.63
N GLY D 15 48.62 20.45 -5.17
CA GLY D 15 49.33 20.65 -3.91
C GLY D 15 48.52 20.34 -2.66
N GLY D 16 47.23 20.03 -2.84
CA GLY D 16 46.33 19.79 -1.74
C GLY D 16 45.75 18.38 -1.73
N ILE D 17 44.91 18.09 -0.74
CA ILE D 17 44.15 16.84 -0.78
C ILE D 17 42.81 17.06 -1.46
N GLY D 18 42.63 16.33 -2.57
CA GLY D 18 41.42 16.46 -3.37
C GLY D 18 40.98 15.10 -3.89
N MET D 19 40.06 15.13 -4.85
CA MET D 19 39.54 13.90 -5.44
C MET D 19 40.16 13.75 -6.82
N SER D 20 40.70 12.57 -7.08
CA SER D 20 41.32 12.22 -8.36
C SER D 20 40.40 12.50 -9.54
N PRO D 21 40.87 13.31 -10.51
CA PRO D 21 40.03 13.65 -11.68
C PRO D 21 39.65 12.39 -12.47
N ASN D 22 40.53 11.38 -12.42
CA ASN D 22 40.30 10.10 -13.07
C ASN D 22 39.08 9.39 -12.49
N TYR D 23 38.86 9.55 -11.19
CA TYR D 23 37.71 8.96 -10.53
C TYR D 23 36.45 9.72 -10.86
N ARG D 24 36.58 11.02 -11.06
CA ARG D 24 35.41 11.83 -11.33
C ARG D 24 34.87 11.64 -12.75
N PHE D 25 35.76 11.37 -13.70
CA PHE D 25 35.35 11.17 -15.10
C PHE D 25 36.42 10.48 -15.91
N ARG D 26 36.01 9.43 -16.62
CA ARG D 26 36.88 8.80 -17.60
C ARG D 26 36.03 8.39 -18.80
N GLN D 27 36.53 8.73 -19.99
CA GLN D 27 35.85 8.39 -21.24
C GLN D 27 36.66 7.30 -21.93
N SER D 28 35.97 6.25 -22.35
CA SER D 28 36.62 5.11 -22.97
C SER D 28 35.73 4.65 -24.13
N MET D 29 36.02 3.48 -24.69
CA MET D 29 35.27 2.98 -25.80
C MET D 29 35.35 1.45 -25.84
N TRP D 30 34.28 0.83 -26.32
CA TRP D 30 34.30 -0.60 -26.60
C TRP D 30 33.88 -0.82 -28.04
N ILE D 31 34.73 -1.50 -28.81
CA ILE D 31 34.29 -1.97 -30.12
C ILE D 31 34.29 -3.48 -30.08
N GLY D 32 33.12 -4.07 -30.12
CA GLY D 32 33.02 -5.48 -29.78
C GLY D 32 31.70 -6.09 -30.17
N ILE D 33 31.50 -7.33 -29.73
CA ILE D 33 30.41 -8.19 -30.18
C ILE D 33 29.31 -8.21 -29.15
N VAL D 34 28.09 -7.90 -29.62
CA VAL D 34 26.88 -8.09 -28.84
C VAL D 34 26.23 -9.37 -29.38
N SER D 35 25.96 -10.33 -28.51
CA SER D 35 25.37 -11.59 -28.94
CA SER D 35 25.38 -11.60 -28.94
C SER D 35 24.02 -11.82 -28.27
N TYR D 36 23.04 -12.23 -29.07
CA TYR D 36 21.72 -12.55 -28.54
C TYR D 36 21.54 -14.07 -28.45
N SER D 37 20.98 -14.55 -27.35
CA SER D 37 20.53 -15.94 -27.27
C SER D 37 19.19 -16.08 -26.54
N GLY D 38 18.21 -16.71 -27.18
CA GLY D 38 16.92 -17.00 -26.54
C GLY D 38 16.17 -18.09 -27.29
N SER D 39 15.77 -19.14 -26.56
CA SER D 39 14.89 -20.18 -27.10
C SER D 39 15.45 -20.75 -28.41
N GLY D 40 16.76 -21.01 -28.40
CA GLY D 40 17.43 -21.56 -29.55
C GLY D 40 17.73 -20.59 -30.67
N LEU D 41 17.38 -19.31 -30.48
CA LEU D 41 17.78 -18.28 -31.46
C LEU D 41 19.11 -17.65 -31.06
N ASN D 42 20.01 -17.52 -32.01
CA ASN D 42 21.37 -17.05 -31.71
C ASN D 42 21.88 -16.19 -32.85
N TRP D 43 22.34 -14.99 -32.53
CA TRP D 43 22.98 -14.14 -33.53
C TRP D 43 23.92 -13.15 -32.85
N ARG D 44 24.76 -12.49 -33.65
CA ARG D 44 25.74 -11.54 -33.11
C ARG D 44 25.93 -10.34 -34.05
N VAL D 45 26.20 -9.18 -33.47
CA VAL D 45 26.47 -7.97 -34.23
C VAL D 45 27.64 -7.21 -33.60
N GLN D 46 28.44 -6.58 -34.43
CA GLN D 46 29.50 -5.72 -33.90
C GLN D 46 28.98 -4.29 -33.70
N VAL D 47 29.38 -3.68 -32.58
CA VAL D 47 28.96 -2.31 -32.29
C VAL D 47 30.15 -1.50 -31.77
N ASN D 48 30.06 -0.18 -31.94
CA ASN D 48 30.97 0.79 -31.34
C ASN D 48 30.22 1.52 -30.23
N SER D 49 30.68 1.40 -28.99
CA SER D 49 30.01 2.02 -27.86
CA SER D 49 30.01 2.03 -27.85
C SER D 49 30.98 2.90 -27.06
N ASP D 50 30.58 4.15 -26.79
CA ASP D 50 31.29 4.98 -25.82
C ASP D 50 31.10 4.34 -24.44
N ILE D 51 32.11 4.45 -23.58
CA ILE D 51 32.00 4.04 -22.18
C ILE D 51 32.39 5.25 -21.34
N PHE D 52 31.60 5.54 -20.32
CA PHE D 52 31.93 6.60 -19.38
C PHE D 52 31.96 6.03 -17.96
N ILE D 53 33.05 6.29 -17.25
CA ILE D 53 33.18 5.89 -15.86
C ILE D 53 33.12 7.16 -15.02
N VAL D 54 32.17 7.20 -14.09
CA VAL D 54 31.86 8.42 -13.37
C VAL D 54 31.69 8.01 -11.92
N ASN D 55 32.64 8.40 -11.05
CA ASN D 55 32.57 8.01 -9.64
C ASN D 55 32.51 6.48 -9.59
N ASP D 56 31.62 5.90 -8.80
CA ASP D 56 31.64 4.42 -8.73
C ASP D 56 30.67 3.72 -9.70
N TYR D 57 30.34 4.41 -10.79
CA TYR D 57 29.47 3.84 -11.86
C TYR D 57 30.20 3.70 -13.17
N ILE D 58 29.82 2.70 -13.96
CA ILE D 58 30.19 2.60 -15.37
C ILE D 58 28.92 2.72 -16.23
N HIS D 59 29.06 3.41 -17.36
CA HIS D 59 27.95 3.59 -18.29
C HIS D 59 28.41 3.07 -19.65
N ILE D 60 27.74 2.04 -20.15
CA ILE D 60 27.99 1.52 -21.49
C ILE D 60 26.92 2.05 -22.45
N CYS D 61 27.33 2.93 -23.35
CA CYS D 61 26.39 3.63 -24.24
C CYS D 61 26.26 2.91 -25.58
N LEU D 62 25.44 1.85 -25.61
CA LEU D 62 25.23 1.11 -26.84
C LEU D 62 24.48 1.95 -27.86
N PRO D 63 24.90 1.91 -29.13
CA PRO D 63 24.21 2.57 -30.24
C PRO D 63 23.09 1.69 -30.73
N ALA D 64 22.20 2.24 -31.56
CA ALA D 64 21.17 1.42 -32.23
C ALA D 64 21.87 0.37 -33.09
N PHE D 65 21.25 -0.80 -33.17
CA PHE D 65 21.74 -1.87 -34.02
C PHE D 65 20.60 -2.74 -34.56
N ASP D 66 20.86 -3.48 -35.64
CA ASP D 66 19.90 -4.45 -36.13
C ASP D 66 20.33 -5.88 -35.86
N GLY D 67 19.37 -6.71 -35.46
CA GLY D 67 19.60 -8.12 -35.28
C GLY D 67 18.54 -8.94 -36.00
N PHE D 68 18.48 -10.22 -35.67
CA PHE D 68 17.49 -11.09 -36.26
C PHE D 68 16.45 -11.51 -35.23
N SER D 69 15.91 -12.73 -35.34
CA SER D 69 14.75 -13.10 -34.54
C SER D 69 15.11 -13.11 -33.07
N ILE D 70 14.19 -12.63 -32.23
CA ILE D 70 14.33 -12.77 -30.79
C ILE D 70 13.15 -13.57 -30.20
N ALA D 71 13.38 -14.09 -29.00
CA ALA D 71 12.35 -14.84 -28.28
C ALA D 71 11.60 -13.94 -27.30
N ASP D 72 10.55 -14.49 -26.69
CA ASP D 72 9.79 -13.80 -25.65
C ASP D 72 10.75 -13.30 -24.58
N GLY D 73 11.60 -14.21 -24.12
CA GLY D 73 12.67 -13.90 -23.20
C GLY D 73 14.01 -14.41 -23.72
N GLY D 74 15.06 -13.64 -23.49
CA GLY D 74 16.40 -14.02 -23.97
C GLY D 74 17.46 -13.17 -23.31
N ASP D 75 18.69 -13.38 -23.74
CA ASP D 75 19.85 -12.70 -23.15
C ASP D 75 20.61 -11.93 -24.20
N LEU D 76 21.03 -10.72 -23.86
CA LEU D 76 21.92 -9.97 -24.72
C LEU D 76 23.27 -9.87 -23.99
N SER D 77 24.32 -10.42 -24.59
CA SER D 77 25.64 -10.51 -23.95
C SER D 77 26.63 -9.54 -24.62
N LEU D 78 27.35 -8.78 -23.81
CA LEU D 78 28.40 -7.91 -24.29
C LEU D 78 29.74 -8.54 -23.92
N ASN D 79 30.56 -8.80 -24.91
CA ASN D 79 31.82 -9.49 -24.69
C ASN D 79 32.97 -8.50 -24.48
N PHE D 80 33.28 -8.20 -23.23
CA PHE D 80 34.32 -7.22 -22.90
C PHE D 80 35.72 -7.82 -22.81
N VAL D 81 35.84 -9.10 -23.14
CA VAL D 81 37.16 -9.77 -23.17
C VAL D 81 38.05 -9.17 -24.26
N THR D 82 37.44 -8.70 -25.34
CA THR D 82 38.14 -7.98 -26.41
C THR D 82 37.43 -6.66 -26.69
N GLY D 83 38.17 -5.72 -27.26
CA GLY D 83 37.58 -4.50 -27.80
C GLY D 83 37.65 -3.24 -26.94
N LEU D 84 38.10 -3.34 -25.70
CA LEU D 84 38.17 -2.16 -24.83
C LEU D 84 39.38 -1.32 -25.22
N LEU D 85 39.20 0.00 -25.24
CA LEU D 85 40.30 0.95 -25.53
C LEU D 85 41.28 0.92 -24.36
N PRO D 86 42.56 0.57 -24.59
CA PRO D 86 43.45 0.68 -23.44
C PRO D 86 43.51 2.11 -22.91
N PRO D 87 43.77 2.27 -21.59
CA PRO D 87 44.25 1.23 -20.66
C PRO D 87 43.13 0.51 -19.94
N LEU D 88 41.88 0.71 -20.36
CA LEU D 88 40.77 0.02 -19.74
C LEU D 88 40.89 -1.48 -20.00
N LEU D 89 40.74 -2.26 -18.92
CA LEU D 89 40.84 -3.72 -19.02
C LEU D 89 39.51 -4.39 -18.71
N THR D 90 39.33 -5.59 -19.26
CA THR D 90 38.13 -6.40 -18.99
C THR D 90 37.66 -6.38 -17.53
N GLY D 91 38.59 -6.57 -16.61
CA GLY D 91 38.31 -6.48 -15.17
C GLY D 91 37.67 -5.19 -14.70
N ASP D 92 37.92 -4.10 -15.42
CA ASP D 92 37.35 -2.80 -15.05
C ASP D 92 35.85 -2.71 -15.32
N THR D 93 35.32 -3.73 -16.00
CA THR D 93 33.88 -3.77 -16.28
C THR D 93 33.13 -4.65 -15.24
N GLU D 94 33.84 -5.26 -14.30
CA GLU D 94 33.16 -6.07 -13.30
C GLU D 94 32.31 -5.19 -12.37
N PRO D 95 31.03 -5.55 -12.16
CA PRO D 95 30.14 -4.86 -11.22
C PRO D 95 30.60 -4.96 -9.78
N ALA D 96 30.16 -4.02 -8.95
CA ALA D 96 30.47 -4.05 -7.51
C ALA D 96 29.80 -5.24 -6.82
N PHE D 97 28.73 -5.76 -7.43
CA PHE D 97 28.12 -7.02 -6.96
C PHE D 97 28.77 -8.25 -7.58
N HIS D 98 29.91 -8.06 -8.26
CA HIS D 98 30.69 -9.14 -8.83
C HIS D 98 29.91 -10.04 -9.79
N ASN D 99 29.88 -11.35 -9.53
CA ASN D 99 29.10 -12.24 -10.38
C ASN D 99 27.73 -12.62 -9.82
N ASP D 100 27.20 -11.82 -8.92
CA ASP D 100 25.85 -12.06 -8.41
C ASP D 100 24.83 -11.92 -9.55
N VAL D 101 23.77 -12.73 -9.48
CA VAL D 101 22.64 -12.60 -10.39
C VAL D 101 21.70 -11.56 -9.81
N VAL D 102 21.40 -10.52 -10.58
CA VAL D 102 20.59 -9.39 -10.09
C VAL D 102 19.51 -8.98 -11.10
N THR D 103 18.68 -8.02 -10.72
CA THR D 103 17.71 -7.40 -11.62
C THR D 103 17.98 -5.89 -11.61
N TYR D 104 19.19 -5.52 -12.03
CA TYR D 104 19.66 -4.14 -11.84
C TYR D 104 19.39 -3.25 -13.04
N GLY D 105 18.90 -2.04 -12.75
CA GLY D 105 18.74 -1.00 -13.78
C GLY D 105 17.64 -1.38 -14.79
N ALA D 106 16.60 -2.08 -14.31
CA ALA D 106 15.54 -2.57 -15.18
C ALA D 106 14.82 -1.39 -15.82
N GLN D 107 14.62 -1.47 -17.13
CA GLN D 107 13.99 -0.41 -17.88
C GLN D 107 13.17 -1.00 -19.02
N THR D 108 12.43 -0.13 -19.67
CA THR D 108 11.66 -0.57 -20.82
CA THR D 108 11.65 -0.53 -20.84
C THR D 108 12.42 -0.15 -22.10
N VAL D 109 12.53 -1.09 -23.04
CA VAL D 109 13.17 -0.81 -24.33
C VAL D 109 12.23 -1.26 -25.47
N ALA D 110 12.09 -0.40 -26.47
CA ALA D 110 11.15 -0.69 -27.56
C ALA D 110 11.95 -1.22 -28.74
N ILE D 111 11.62 -2.45 -29.14
CA ILE D 111 12.34 -3.11 -30.23
C ILE D 111 11.40 -3.33 -31.43
N GLY D 112 11.84 -2.90 -32.62
CA GLY D 112 11.02 -3.00 -33.82
C GLY D 112 11.16 -4.37 -34.47
N LEU D 113 10.08 -5.15 -34.47
CA LEU D 113 10.10 -6.49 -35.03
C LEU D 113 9.45 -6.47 -36.41
N SER D 114 10.08 -7.13 -37.38
CA SER D 114 9.58 -7.08 -38.75
C SER D 114 10.01 -8.31 -39.53
N SER D 115 9.41 -8.48 -40.72
CA SER D 115 9.90 -9.41 -41.72
C SER D 115 10.19 -8.65 -43.02
N GLY D 116 10.88 -7.52 -42.92
CA GLY D 116 11.28 -6.75 -44.10
C GLY D 116 10.48 -5.47 -44.29
N GLY D 117 9.20 -5.51 -43.89
CA GLY D 117 8.32 -4.36 -43.95
C GLY D 117 8.33 -3.47 -42.71
N THR D 118 7.20 -2.79 -42.47
CA THR D 118 7.10 -1.81 -41.38
CA THR D 118 7.08 -1.82 -41.38
C THR D 118 7.17 -2.51 -40.02
N PRO D 119 8.17 -2.14 -39.19
CA PRO D 119 8.31 -2.83 -37.90
C PRO D 119 7.14 -2.58 -36.95
N GLN D 120 6.83 -3.60 -36.15
CA GLN D 120 5.95 -3.48 -35.00
C GLN D 120 6.83 -3.31 -33.76
N TYR D 121 6.71 -2.19 -33.06
CA TYR D 121 7.53 -1.97 -31.87
C TYR D 121 6.94 -2.62 -30.63
N MET D 122 7.71 -3.54 -30.03
CA MET D 122 7.29 -4.20 -28.79
C MET D 122 8.02 -3.60 -27.61
N SER D 123 7.30 -3.35 -26.52
CA SER D 123 7.93 -2.86 -25.29
C SER D 123 8.45 -3.99 -24.47
N LYS D 124 9.74 -4.20 -24.52
CA LYS D 124 10.37 -5.23 -23.71
C LYS D 124 11.02 -4.62 -22.45
N ASN D 125 11.40 -5.49 -21.54
CA ASN D 125 11.90 -5.15 -20.21
C ASN D 125 13.37 -5.61 -20.19
N LEU D 126 14.30 -4.68 -20.06
CA LEU D 126 15.72 -4.99 -20.06
C LEU D 126 16.36 -4.67 -18.69
N TRP D 127 17.26 -5.55 -18.25
CA TRP D 127 18.08 -5.30 -17.04
C TRP D 127 19.46 -5.93 -17.07
N VAL D 128 20.36 -5.39 -16.29
CA VAL D 128 21.65 -6.03 -16.06
C VAL D 128 21.41 -7.25 -15.17
N GLU D 129 21.71 -8.44 -15.68
CA GLU D 129 21.44 -9.66 -14.92
C GLU D 129 22.70 -10.28 -14.26
N GLN D 130 23.78 -10.43 -15.01
CA GLN D 130 25.01 -11.03 -14.46
C GLN D 130 26.20 -10.67 -15.31
N TRP D 131 27.35 -10.46 -14.67
CA TRP D 131 28.65 -10.39 -15.33
C TRP D 131 29.45 -11.60 -14.88
N GLN D 132 30.05 -12.26 -15.84
CA GLN D 132 30.84 -13.45 -15.58
C GLN D 132 31.97 -13.55 -16.57
N ASP D 133 33.21 -13.62 -16.08
CA ASP D 133 34.39 -13.82 -16.93
C ASP D 133 34.48 -12.79 -18.05
N GLY D 134 34.17 -11.54 -17.76
CA GLY D 134 34.31 -10.48 -18.77
C GLY D 134 33.16 -10.37 -19.77
N VAL D 135 32.10 -11.14 -19.57
CA VAL D 135 30.89 -11.02 -20.38
C VAL D 135 29.71 -10.52 -19.58
N LEU D 136 29.17 -9.37 -19.99
CA LEU D 136 28.03 -8.74 -19.29
C LEU D 136 26.74 -9.25 -19.91
N ARG D 137 25.91 -9.92 -19.10
CA ARG D 137 24.65 -10.44 -19.59
C ARG D 137 23.43 -9.60 -19.19
N LEU D 138 22.71 -9.15 -20.21
CA LEU D 138 21.50 -8.37 -20.03
C LEU D 138 20.30 -9.27 -20.33
N ARG D 139 19.29 -9.21 -19.47
CA ARG D 139 18.08 -9.99 -19.70
C ARG D 139 17.11 -9.10 -20.46
N VAL D 140 16.48 -9.66 -21.51
CA VAL D 140 15.48 -8.94 -22.29
C VAL D 140 14.23 -9.81 -22.43
N GLU D 141 13.16 -9.44 -21.76
CA GLU D 141 11.95 -10.26 -21.75
C GLU D 141 10.69 -9.41 -21.65
N GLY D 142 9.53 -10.07 -21.77
CA GLY D 142 8.24 -9.41 -21.59
C GLY D 142 7.75 -8.64 -22.79
N GLY D 143 6.53 -8.15 -22.73
CA GLY D 143 5.95 -7.33 -23.79
C GLY D 143 5.31 -8.14 -24.91
N GLY D 144 5.40 -9.46 -24.82
CA GLY D 144 4.86 -10.32 -25.87
C GLY D 144 5.68 -10.29 -27.15
N SER D 145 5.21 -11.02 -28.16
CA SER D 145 5.95 -11.12 -29.41
C SER D 145 5.04 -11.34 -30.61
N ILE D 146 5.66 -11.27 -31.79
CA ILE D 146 4.99 -11.58 -33.04
C ILE D 146 5.96 -12.43 -33.87
N THR D 147 5.46 -13.02 -34.94
CA THR D 147 6.31 -13.72 -35.90
C THR D 147 7.14 -12.68 -36.63
N HIS D 148 8.46 -12.86 -36.65
CA HIS D 148 9.36 -11.87 -37.26
C HIS D 148 10.69 -12.52 -37.59
N SER D 149 11.46 -11.88 -38.47
N SER D 149 11.48 -11.85 -38.42
CA SER D 149 12.81 -12.36 -38.81
CA SER D 149 12.80 -12.35 -38.79
C SER D 149 13.88 -11.33 -38.42
C SER D 149 13.89 -11.32 -38.48
N ASN D 150 13.47 -10.09 -38.23
CA ASN D 150 14.40 -8.98 -37.98
C ASN D 150 14.04 -8.20 -36.76
N SER D 151 15.06 -7.72 -36.05
CA SER D 151 14.86 -6.85 -34.88
C SER D 151 15.66 -5.56 -35.00
N LYS D 152 14.97 -4.45 -34.82
CA LYS D 152 15.60 -3.14 -34.86
C LYS D 152 15.71 -2.64 -33.41
N TRP D 153 16.93 -2.67 -32.88
CA TRP D 153 17.17 -2.28 -31.48
C TRP D 153 17.45 -0.79 -31.37
N PRO D 154 16.94 -0.16 -30.30
CA PRO D 154 17.24 1.24 -30.10
C PRO D 154 18.62 1.38 -29.48
N ALA D 155 19.14 2.60 -29.45
CA ALA D 155 20.26 2.89 -28.60
C ALA D 155 19.83 2.70 -27.13
N MET D 156 20.73 2.08 -26.36
CA MET D 156 20.47 1.75 -24.96
C MET D 156 21.72 2.02 -24.13
N THR D 157 21.57 2.83 -23.10
CA THR D 157 22.64 3.00 -22.12
C THR D 157 22.39 2.08 -20.94
N VAL D 158 23.39 1.27 -20.65
CA VAL D 158 23.35 0.34 -19.54
C VAL D 158 24.40 0.78 -18.50
N SER D 159 23.94 0.96 -17.26
CA SER D 159 24.78 1.50 -16.18
C SER D 159 24.74 0.58 -14.98
N TYR D 160 25.82 0.57 -14.21
CA TYR D 160 25.84 -0.19 -12.95
C TYR D 160 27.04 0.19 -12.09
N PRO D 161 26.97 -0.16 -10.79
CA PRO D 161 28.08 0.10 -9.86
C PRO D 161 29.26 -0.78 -10.22
N ARG D 162 30.43 -0.16 -10.26
CA ARG D 162 31.65 -0.79 -10.72
C ARG D 162 32.49 -1.26 -9.53
N SER D 163 33.07 -2.45 -9.63
CA SER D 163 33.93 -2.95 -8.54
C SER D 163 35.17 -2.06 -8.36
N PHE D 164 35.73 -2.05 -7.15
CA PHE D 164 36.94 -1.27 -6.85
C PHE D 164 37.99 -2.09 -6.10
N PRO E 4 40.46 9.90 13.91
CA PRO E 4 39.74 10.96 14.63
C PRO E 4 39.63 12.26 13.82
N ASN E 5 40.48 12.41 12.79
CA ASN E 5 40.51 13.62 11.98
C ASN E 5 39.86 13.45 10.59
N LEU E 6 39.40 12.23 10.30
CA LEU E 6 38.70 11.95 9.04
C LEU E 6 37.18 11.97 9.24
N ARG E 7 36.45 12.34 8.19
CA ARG E 7 35.01 12.55 8.28
C ARG E 7 34.29 11.79 7.17
N TYR E 8 33.46 10.82 7.56
CA TYR E 8 32.72 10.03 6.58
C TYR E 8 32.12 10.93 5.49
N PRO E 9 32.30 10.55 4.21
CA PRO E 9 32.83 9.30 3.68
C PRO E 9 34.35 9.21 3.47
N ILE E 10 35.11 10.20 3.95
CA ILE E 10 36.55 10.02 4.04
C ILE E 10 36.86 9.14 5.25
N ALA E 11 37.78 8.18 5.09
CA ALA E 11 38.02 7.19 6.14
C ALA E 11 39.39 6.54 6.02
N ASP E 12 39.69 5.68 6.98
CA ASP E 12 40.92 4.92 6.99
C ASP E 12 40.90 3.78 6.00
N VAL E 13 41.75 3.86 4.98
CA VAL E 13 41.89 2.75 4.04
C VAL E 13 43.34 2.22 4.06
N SER E 14 43.53 1.12 4.76
CA SER E 14 44.87 0.55 4.99
C SER E 14 45.90 1.56 5.51
N GLY E 15 45.50 2.40 6.48
CA GLY E 15 46.43 3.31 7.17
C GLY E 15 46.49 4.70 6.56
N GLY E 16 45.80 4.88 5.43
CA GLY E 16 45.79 6.16 4.72
C GLY E 16 44.46 6.88 4.73
N ILE E 17 44.44 8.08 4.17
CA ILE E 17 43.20 8.81 3.96
C ILE E 17 42.59 8.30 2.64
N GLY E 18 41.44 7.62 2.75
CA GLY E 18 40.74 7.10 1.57
C GLY E 18 39.25 7.37 1.64
N MET E 19 38.50 6.63 0.81
CA MET E 19 37.04 6.76 0.74
C MET E 19 36.43 5.49 1.33
N SER E 20 35.55 5.65 2.31
CA SER E 20 34.94 4.48 2.95
C SER E 20 34.32 3.55 1.91
N PRO E 21 34.70 2.26 1.93
CA PRO E 21 34.07 1.28 1.03
C PRO E 21 32.54 1.21 1.20
N ASN E 22 32.05 1.47 2.41
CA ASN E 22 30.60 1.48 2.68
C ASN E 22 29.89 2.54 1.86
N TYR E 23 30.53 3.70 1.69
CA TYR E 23 29.99 4.80 0.88
C TYR E 23 30.02 4.44 -0.59
N ARG E 24 31.07 3.74 -1.00
CA ARG E 24 31.25 3.34 -2.40
C ARG E 24 30.25 2.28 -2.87
N PHE E 25 29.89 1.36 -1.99
CA PHE E 25 28.92 0.31 -2.31
C PHE E 25 28.35 -0.35 -1.05
N ARG E 26 27.02 -0.42 -0.97
CA ARG E 26 26.36 -1.09 0.13
C ARG E 26 25.12 -1.77 -0.45
N GLN E 27 24.99 -3.07 -0.23
CA GLN E 27 23.88 -3.86 -0.76
C GLN E 27 22.94 -4.19 0.39
N SER E 28 21.65 -4.16 0.09
CA SER E 28 20.64 -4.48 1.08
C SER E 28 19.45 -5.09 0.35
N MET E 29 18.32 -5.13 1.04
CA MET E 29 17.13 -5.73 0.46
C MET E 29 15.91 -5.19 1.19
N TRP E 30 14.80 -5.09 0.47
CA TRP E 30 13.49 -4.79 1.05
C TRP E 30 12.52 -5.87 0.63
N ILE E 31 11.87 -6.50 1.60
CA ILE E 31 10.77 -7.41 1.31
C ILE E 31 9.56 -6.77 1.95
N GLY E 32 8.62 -6.35 1.11
CA GLY E 32 7.56 -5.49 1.64
C GLY E 32 6.43 -5.26 0.67
N ILE E 33 5.55 -4.32 1.03
CA ILE E 33 4.30 -4.12 0.33
C ILE E 33 4.35 -2.91 -0.60
N VAL E 34 4.01 -3.16 -1.87
CA VAL E 34 3.76 -2.12 -2.85
C VAL E 34 2.25 -1.98 -3.00
N SER E 35 1.75 -0.75 -2.92
N SER E 35 1.74 -0.76 -2.82
CA SER E 35 0.32 -0.47 -2.94
CA SER E 35 0.30 -0.49 -2.93
C SER E 35 -0.03 0.51 -4.06
C SER E 35 0.05 0.44 -4.12
N TYR E 36 -1.01 0.14 -4.87
CA TYR E 36 -1.45 1.01 -5.97
C TYR E 36 -2.72 1.75 -5.57
N SER E 37 -2.78 3.05 -5.89
CA SER E 37 -4.01 3.83 -5.67
C SER E 37 -4.25 4.76 -6.82
N GLY E 38 -5.44 4.69 -7.40
CA GLY E 38 -5.79 5.60 -8.49
C GLY E 38 -7.29 5.59 -8.78
N SER E 39 -7.90 6.78 -8.82
CA SER E 39 -9.33 6.93 -9.15
C SER E 39 -10.20 5.86 -8.50
N GLY E 40 -10.03 5.63 -7.20
CA GLY E 40 -10.88 4.68 -6.46
C GLY E 40 -10.43 3.23 -6.52
N LEU E 41 -9.39 2.95 -7.31
CA LEU E 41 -8.87 1.59 -7.41
C LEU E 41 -7.71 1.46 -6.43
N ASN E 42 -7.72 0.38 -5.64
CA ASN E 42 -6.71 0.12 -4.62
C ASN E 42 -6.41 -1.39 -4.57
N TRP E 43 -5.13 -1.73 -4.57
CA TRP E 43 -4.68 -3.10 -4.33
C TRP E 43 -3.23 -3.06 -3.92
N ARG E 44 -2.73 -4.17 -3.39
CA ARG E 44 -1.35 -4.21 -2.93
C ARG E 44 -0.76 -5.59 -3.20
N VAL E 45 0.56 -5.64 -3.29
CA VAL E 45 1.27 -6.89 -3.50
CA VAL E 45 1.27 -6.92 -3.48
C VAL E 45 2.58 -6.88 -2.71
N GLN E 46 3.05 -8.06 -2.30
CA GLN E 46 4.37 -8.17 -1.67
C GLN E 46 5.44 -8.45 -2.73
N VAL E 47 6.59 -7.78 -2.59
CA VAL E 47 7.72 -7.99 -3.50
C VAL E 47 9.00 -8.19 -2.69
N ASN E 48 10.00 -8.82 -3.31
CA ASN E 48 11.36 -8.88 -2.78
C ASN E 48 12.26 -8.10 -3.72
N SER E 49 12.87 -7.03 -3.22
CA SER E 49 13.75 -6.18 -4.05
C SER E 49 15.14 -6.01 -3.45
N ASP E 50 16.17 -6.19 -4.28
CA ASP E 50 17.51 -5.75 -3.91
C ASP E 50 17.53 -4.22 -3.79
N ILE E 51 18.34 -3.73 -2.84
CA ILE E 51 18.63 -2.31 -2.75
C ILE E 51 20.12 -2.11 -2.85
N PHE E 52 20.53 -1.12 -3.63
CA PHE E 52 21.96 -0.80 -3.76
C PHE E 52 22.14 0.68 -3.46
N ILE E 53 23.06 0.98 -2.53
CA ILE E 53 23.42 2.36 -2.21
C ILE E 53 24.85 2.60 -2.67
N VAL E 54 24.99 3.55 -3.59
CA VAL E 54 26.25 3.79 -4.28
C VAL E 54 26.51 5.29 -4.31
N ASN E 55 27.60 5.71 -3.65
CA ASN E 55 27.85 7.13 -3.44
C ASN E 55 26.59 7.80 -2.85
N ASP E 56 26.21 8.98 -3.33
CA ASP E 56 25.04 9.64 -2.72
C ASP E 56 23.65 9.26 -3.33
N TYR E 57 23.55 8.04 -3.91
CA TYR E 57 22.30 7.54 -4.54
C TYR E 57 21.81 6.25 -3.90
N ILE E 58 20.50 6.08 -3.87
CA ILE E 58 19.87 4.79 -3.55
C ILE E 58 19.15 4.19 -4.78
N HIS E 59 19.28 2.89 -4.97
CA HIS E 59 18.66 2.19 -6.09
C HIS E 59 17.78 1.07 -5.53
N ILE E 60 16.49 1.16 -5.81
CA ILE E 60 15.56 0.13 -5.38
C ILE E 60 15.16 -0.68 -6.61
N CYS E 61 15.59 -1.94 -6.64
CA CYS E 61 15.38 -2.78 -7.82
C CYS E 61 14.12 -3.62 -7.69
N LEU E 62 12.98 -3.07 -8.10
CA LEU E 62 11.73 -3.84 -8.00
C LEU E 62 11.70 -4.90 -9.06
N PRO E 63 11.21 -6.11 -8.70
CA PRO E 63 11.03 -7.21 -9.66
C PRO E 63 9.69 -7.03 -10.35
N ALA E 64 9.48 -7.75 -11.43
CA ALA E 64 8.16 -7.80 -12.07
C ALA E 64 7.14 -8.30 -11.05
N PHE E 65 5.89 -7.82 -11.17
CA PHE E 65 4.78 -8.27 -10.33
C PHE E 65 3.45 -8.07 -11.05
N ASP E 66 2.42 -8.76 -10.56
CA ASP E 66 1.08 -8.64 -11.10
C ASP E 66 0.17 -7.93 -10.12
N GLY E 67 -0.66 -7.05 -10.63
CA GLY E 67 -1.66 -6.40 -9.84
C GLY E 67 -3.02 -6.44 -10.52
N PHE E 68 -3.89 -5.56 -10.08
CA PHE E 68 -5.24 -5.53 -10.60
C PHE E 68 -5.47 -4.28 -11.42
N SER E 69 -6.69 -3.75 -11.44
CA SER E 69 -6.99 -2.61 -12.33
C SER E 69 -6.22 -1.37 -11.92
N ILE E 70 -5.77 -0.61 -12.91
CA ILE E 70 -5.16 0.69 -12.66
C ILE E 70 -5.94 1.78 -13.39
N ALA E 71 -5.76 3.01 -12.95
CA ALA E 71 -6.41 4.15 -13.60
C ALA E 71 -5.47 4.84 -14.59
N ASP E 72 -5.99 5.81 -15.32
CA ASP E 72 -5.16 6.57 -16.23
C ASP E 72 -3.97 7.17 -15.47
N GLY E 73 -4.25 7.82 -14.35
CA GLY E 73 -3.22 8.28 -13.42
C GLY E 73 -3.44 7.73 -12.02
N GLY E 74 -2.35 7.44 -11.35
CA GLY E 74 -2.43 6.90 -9.99
C GLY E 74 -1.06 6.86 -9.38
N ASP E 75 -0.96 6.27 -8.20
CA ASP E 75 0.35 6.19 -7.54
C ASP E 75 0.67 4.83 -6.96
N LEU E 76 1.95 4.52 -7.02
CA LEU E 76 2.45 3.26 -6.49
C LEU E 76 3.28 3.65 -5.27
N SER E 77 2.97 3.05 -4.12
CA SER E 77 3.65 3.43 -2.88
C SER E 77 4.42 2.27 -2.29
N LEU E 78 5.66 2.54 -1.92
CA LEU E 78 6.54 1.51 -1.33
C LEU E 78 6.65 1.81 0.15
N ASN E 79 6.20 0.86 0.97
CA ASN E 79 6.21 1.06 2.43
C ASN E 79 7.52 0.58 3.05
N PHE E 80 8.46 1.51 3.23
CA PHE E 80 9.76 1.22 3.86
C PHE E 80 9.75 1.23 5.39
N VAL E 81 8.59 1.46 5.98
CA VAL E 81 8.48 1.48 7.45
C VAL E 81 8.80 0.07 8.02
N THR E 82 8.43 -0.98 7.28
CA THR E 82 8.85 -2.33 7.61
C THR E 82 9.43 -3.02 6.39
N GLY E 83 10.17 -4.10 6.59
CA GLY E 83 10.66 -4.92 5.50
C GLY E 83 12.12 -4.77 5.10
N LEU E 84 12.77 -3.69 5.56
CA LEU E 84 14.18 -3.44 5.22
C LEU E 84 15.06 -4.40 6.01
N LEU E 85 16.02 -5.02 5.34
CA LEU E 85 16.95 -5.92 6.03
C LEU E 85 17.93 -5.13 6.90
N PRO E 86 18.03 -5.50 8.20
CA PRO E 86 18.96 -4.82 9.07
C PRO E 86 20.39 -4.94 8.52
N PRO E 87 21.23 -3.92 8.75
CA PRO E 87 21.07 -2.72 9.59
C PRO E 87 20.47 -1.49 8.85
N LEU E 88 19.95 -1.69 7.65
CA LEU E 88 19.30 -0.59 6.94
C LEU E 88 18.03 -0.19 7.69
N LEU E 89 17.86 1.11 7.93
CA LEU E 89 16.69 1.62 8.63
C LEU E 89 15.80 2.45 7.67
N THR E 90 14.55 2.66 8.05
CA THR E 90 13.62 3.41 7.22
C THR E 90 14.20 4.79 6.83
N GLY E 91 14.84 5.45 7.79
CA GLY E 91 15.46 6.77 7.54
C GLY E 91 16.54 6.78 6.46
N ASP E 92 17.09 5.60 6.18
CA ASP E 92 18.12 5.44 5.15
C ASP E 92 17.57 5.55 3.74
N THR E 93 16.25 5.52 3.60
CA THR E 93 15.60 5.63 2.31
C THR E 93 15.09 7.05 2.01
N GLU E 94 15.33 7.98 2.93
CA GLU E 94 14.89 9.35 2.77
C GLU E 94 15.73 10.04 1.67
N PRO E 95 15.07 10.68 0.69
CA PRO E 95 15.77 11.42 -0.38
C PRO E 95 16.54 12.60 0.17
N ALA E 96 17.55 13.03 -0.58
CA ALA E 96 18.24 14.28 -0.30
C ALA E 96 17.32 15.53 -0.38
N PHE E 97 16.21 15.43 -1.11
CA PHE E 97 15.21 16.52 -1.13
C PHE E 97 14.13 16.29 -0.08
N HIS E 98 14.40 15.39 0.86
CA HIS E 98 13.50 15.12 1.98
C HIS E 98 12.08 14.81 1.54
N ASN E 99 11.10 15.58 1.99
CA ASN E 99 9.73 15.31 1.66
C ASN E 99 9.16 16.27 0.63
N ASP E 100 10.03 16.89 -0.16
CA ASP E 100 9.58 17.77 -1.25
C ASP E 100 8.85 16.92 -2.30
N VAL E 101 7.85 17.52 -2.94
CA VAL E 101 7.20 16.95 -4.11
C VAL E 101 8.03 17.26 -5.34
N VAL E 102 8.39 16.20 -6.08
CA VAL E 102 9.31 16.33 -7.20
C VAL E 102 8.80 15.51 -8.40
N THR E 103 9.55 15.60 -9.50
CA THR E 103 9.27 14.78 -10.69
C THR E 103 10.58 14.15 -11.08
N TYR E 104 11.05 13.26 -10.21
CA TYR E 104 12.43 12.86 -10.24
C TYR E 104 12.59 11.48 -10.90
N GLY E 105 13.51 11.38 -11.85
CA GLY E 105 13.78 10.09 -12.52
C GLY E 105 12.65 9.60 -13.39
N ALA E 106 12.00 10.52 -14.09
CA ALA E 106 10.83 10.21 -14.88
C ALA E 106 11.26 9.30 -16.01
N GLN E 107 10.52 8.22 -16.21
CA GLN E 107 10.84 7.21 -17.22
C GLN E 107 9.59 6.60 -17.80
N THR E 108 9.78 5.76 -18.82
CA THR E 108 8.68 5.07 -19.45
C THR E 108 8.61 3.66 -18.90
N VAL E 109 7.42 3.24 -18.49
CA VAL E 109 7.19 1.86 -18.03
C VAL E 109 6.01 1.25 -18.76
N ALA E 110 6.24 0.07 -19.33
CA ALA E 110 5.21 -0.59 -20.14
C ALA E 110 4.50 -1.60 -19.25
N ILE E 111 3.18 -1.42 -19.09
CA ILE E 111 2.36 -2.28 -18.20
C ILE E 111 1.32 -3.07 -19.04
N GLY E 112 1.29 -4.39 -18.87
CA GLY E 112 0.37 -5.25 -19.62
C GLY E 112 -1.00 -5.34 -18.98
N LEU E 113 -2.02 -4.81 -19.66
CA LEU E 113 -3.37 -4.79 -19.14
C LEU E 113 -4.22 -5.85 -19.83
N SER E 114 -5.02 -6.56 -19.05
CA SER E 114 -5.79 -7.65 -19.60
C SER E 114 -6.99 -7.98 -18.74
N SER E 115 -7.85 -8.83 -19.26
CA SER E 115 -8.88 -9.46 -18.43
C SER E 115 -8.79 -10.96 -18.56
N GLY E 116 -7.58 -11.51 -18.43
CA GLY E 116 -7.36 -12.95 -18.41
C GLY E 116 -6.66 -13.44 -19.66
N GLY E 117 -6.97 -12.79 -20.79
CA GLY E 117 -6.35 -13.10 -22.07
C GLY E 117 -5.06 -12.31 -22.37
N THR E 118 -4.78 -12.15 -23.67
CA THR E 118 -3.52 -11.54 -24.16
C THR E 118 -3.42 -10.06 -23.75
N PRO E 119 -2.41 -9.73 -22.91
CA PRO E 119 -2.27 -8.36 -22.40
C PRO E 119 -1.98 -7.36 -23.52
N GLN E 120 -2.56 -6.17 -23.42
CA GLN E 120 -2.16 -5.05 -24.25
C GLN E 120 -1.21 -4.18 -23.42
N TYR E 121 -0.02 -3.88 -23.94
CA TYR E 121 0.97 -3.10 -23.19
C TYR E 121 0.80 -1.60 -23.39
N MET E 122 0.56 -0.89 -22.28
CA MET E 122 0.46 0.56 -22.29
C MET E 122 1.78 1.20 -21.84
N SER E 123 2.23 2.20 -22.58
CA SER E 123 3.43 2.93 -22.22
C SER E 123 3.07 4.03 -21.23
N LYS E 124 3.24 3.76 -19.95
CA LYS E 124 2.98 4.78 -18.92
C LYS E 124 4.27 5.49 -18.50
N ASN E 125 4.09 6.56 -17.75
CA ASN E 125 5.16 7.50 -17.38
C ASN E 125 5.26 7.40 -15.85
N LEU E 126 6.44 6.98 -15.35
CA LEU E 126 6.64 6.80 -13.90
C LEU E 126 7.73 7.73 -13.38
N TRP E 127 7.48 8.32 -12.21
CA TRP E 127 8.51 9.12 -11.53
C TRP E 127 8.45 9.05 -10.02
N VAL E 128 9.58 9.33 -9.37
CA VAL E 128 9.58 9.53 -7.90
C VAL E 128 8.91 10.87 -7.63
N GLU E 129 7.83 10.84 -6.85
CA GLU E 129 7.08 12.07 -6.56
C GLU E 129 7.29 12.61 -5.12
N GLN E 130 7.18 11.74 -4.09
CA GLN E 130 7.34 12.16 -2.72
C GLN E 130 7.68 11.00 -1.80
N TRP E 131 8.62 11.25 -0.89
CA TRP E 131 8.84 10.37 0.25
C TRP E 131 8.26 11.07 1.49
N GLN E 132 7.43 10.36 2.25
CA GLN E 132 6.80 10.92 3.45
C GLN E 132 6.72 9.84 4.53
N ASP E 133 7.42 10.06 5.64
CA ASP E 133 7.33 9.17 6.80
C ASP E 133 7.57 7.71 6.41
N GLY E 134 8.61 7.48 5.61
CA GLY E 134 9.04 6.11 5.27
C GLY E 134 8.28 5.46 4.12
N VAL E 135 7.38 6.20 3.50
CA VAL E 135 6.65 5.72 2.34
C VAL E 135 7.07 6.49 1.09
N LEU E 136 7.55 5.76 0.10
CA LEU E 136 8.00 6.35 -1.15
C LEU E 136 6.87 6.24 -2.16
N ARG E 137 6.41 7.39 -2.63
CA ARG E 137 5.30 7.44 -3.57
C ARG E 137 5.81 7.78 -4.97
N LEU E 138 5.47 6.88 -5.90
CA LEU E 138 5.79 7.01 -7.32
C LEU E 138 4.52 7.34 -8.07
N ARG E 139 4.59 8.31 -8.98
CA ARG E 139 3.44 8.64 -9.82
C ARG E 139 3.49 7.76 -11.07
N VAL E 140 2.34 7.25 -11.47
CA VAL E 140 2.25 6.42 -12.69
C VAL E 140 1.07 6.92 -13.51
N GLU E 141 1.35 7.52 -14.66
CA GLU E 141 0.28 8.16 -15.42
C GLU E 141 0.57 8.21 -16.92
N GLY E 142 -0.43 8.62 -17.70
CA GLY E 142 -0.22 8.82 -19.13
C GLY E 142 -0.25 7.52 -19.93
N GLY E 143 -0.16 7.67 -21.26
CA GLY E 143 -0.19 6.49 -22.15
C GLY E 143 -1.57 5.94 -22.45
N GLY E 144 -2.61 6.54 -21.89
CA GLY E 144 -3.98 6.06 -22.10
C GLY E 144 -4.23 4.73 -21.41
N SER E 145 -5.41 4.17 -21.64
CA SER E 145 -5.83 2.97 -20.93
C SER E 145 -6.85 2.17 -21.75
N ILE E 146 -7.20 0.99 -21.25
CA ILE E 146 -8.28 0.18 -21.79
C ILE E 146 -9.05 -0.40 -20.61
N THR E 147 -10.23 -0.94 -20.88
CA THR E 147 -10.96 -1.74 -19.90
C THR E 147 -10.16 -3.01 -19.55
N HIS E 148 -9.97 -3.26 -18.26
CA HIS E 148 -9.15 -4.39 -17.84
C HIS E 148 -9.36 -4.69 -16.36
N SER E 149 -9.04 -5.92 -15.97
CA SER E 149 -9.15 -6.36 -14.59
C SER E 149 -7.78 -6.72 -13.97
N ASN E 150 -6.74 -6.84 -14.81
CA ASN E 150 -5.41 -7.28 -14.34
C ASN E 150 -4.29 -6.45 -14.97
N SER E 151 -3.18 -6.29 -14.24
CA SER E 151 -2.02 -5.54 -14.73
C SER E 151 -0.74 -6.33 -14.52
N LYS E 152 0.10 -6.39 -15.55
CA LYS E 152 1.36 -7.09 -15.47
C LYS E 152 2.45 -6.03 -15.51
N TRP E 153 3.09 -5.84 -14.36
CA TRP E 153 4.08 -4.78 -14.20
C TRP E 153 5.47 -5.33 -14.51
N PRO E 154 6.27 -4.50 -15.18
CA PRO E 154 7.64 -4.88 -15.53
C PRO E 154 8.55 -4.75 -14.28
N ALA E 155 9.72 -5.37 -14.30
CA ALA E 155 10.76 -5.00 -13.36
C ALA E 155 11.08 -3.51 -13.58
N MET E 156 11.21 -2.77 -12.48
CA MET E 156 11.50 -1.34 -12.54
C MET E 156 12.51 -0.97 -11.48
N THR E 157 13.59 -0.33 -11.91
CA THR E 157 14.55 0.24 -10.95
C THR E 157 14.22 1.71 -10.68
N VAL E 158 14.03 2.04 -9.41
CA VAL E 158 13.84 3.42 -9.03
CA VAL E 158 13.74 3.38 -8.90
C VAL E 158 15.00 3.94 -8.20
N SER E 159 15.51 5.08 -8.63
CA SER E 159 16.75 5.65 -8.08
C SER E 159 16.54 7.12 -7.66
N TYR E 160 17.29 7.55 -6.65
CA TYR E 160 17.26 8.95 -6.21
C TYR E 160 18.40 9.30 -5.25
N PRO E 161 18.74 10.61 -5.13
CA PRO E 161 19.79 10.97 -4.17
C PRO E 161 19.26 10.80 -2.77
N ARG E 162 20.11 10.26 -1.91
CA ARG E 162 19.73 9.88 -0.58
C ARG E 162 20.26 10.92 0.40
N SER E 163 19.52 11.16 1.48
CA SER E 163 19.92 12.15 2.48
CA SER E 163 19.92 12.15 2.48
C SER E 163 21.16 11.70 3.26
N PHE E 164 21.93 12.67 3.73
CA PHE E 164 23.16 12.41 4.45
C PHE E 164 23.30 13.28 5.71
N PRO F 4 44.21 25.75 -0.17
CA PRO F 4 43.96 24.37 -0.53
C PRO F 4 45.12 23.43 -0.22
N ASN F 5 45.30 23.13 1.07
CA ASN F 5 45.86 21.85 1.48
C ASN F 5 44.84 20.76 1.22
N LEU F 6 43.57 21.16 1.19
CA LEU F 6 42.48 20.29 0.74
C LEU F 6 41.77 20.89 -0.46
N ARG F 7 41.64 20.11 -1.52
CA ARG F 7 41.04 20.61 -2.74
C ARG F 7 39.67 19.96 -3.00
N TYR F 8 38.66 20.81 -3.19
CA TYR F 8 37.30 20.41 -3.60
C TYR F 8 37.31 19.22 -4.57
N PRO F 9 36.40 18.26 -4.37
CA PRO F 9 35.36 18.21 -3.34
C PRO F 9 35.82 17.78 -1.93
N ILE F 10 37.12 17.52 -1.75
CA ILE F 10 37.67 17.28 -0.40
C ILE F 10 37.72 18.60 0.36
N ALA F 11 37.11 18.61 1.54
CA ALA F 11 37.00 19.82 2.34
C ALA F 11 37.32 19.59 3.84
N ASP F 12 37.70 20.66 4.53
CA ASP F 12 37.57 20.72 5.98
C ASP F 12 36.09 20.51 6.34
N VAL F 13 35.80 19.46 7.10
CA VAL F 13 34.43 19.16 7.54
C VAL F 13 34.37 19.05 9.06
N SER F 14 33.50 19.85 9.68
CA SER F 14 33.29 19.87 11.15
C SER F 14 34.63 19.86 11.85
N GLY F 15 35.61 20.54 11.27
CA GLY F 15 36.99 20.56 11.74
C GLY F 15 37.97 19.48 11.24
N GLY F 16 37.45 18.57 10.42
CA GLY F 16 38.23 17.51 9.85
C GLY F 16 38.19 17.49 8.32
N ILE F 17 38.85 16.53 7.73
CA ILE F 17 38.88 16.31 6.31
C ILE F 17 37.63 15.47 5.91
N GLY F 18 36.63 16.10 5.26
CA GLY F 18 35.44 15.39 4.78
C GLY F 18 35.12 15.74 3.34
N MET F 19 33.86 15.53 2.96
CA MET F 19 33.41 15.80 1.61
C MET F 19 32.45 16.97 1.66
N SER F 20 32.71 17.97 0.83
CA SER F 20 31.82 19.13 0.78
C SER F 20 30.40 18.69 0.52
N PRO F 21 29.46 19.12 1.39
CA PRO F 21 28.04 18.84 1.20
C PRO F 21 27.46 19.47 -0.08
N ASN F 22 28.07 20.57 -0.54
CA ASN F 22 27.69 21.19 -1.80
C ASN F 22 27.87 20.18 -2.96
N TYR F 23 28.96 19.44 -2.92
CA TYR F 23 29.25 18.38 -3.90
C TYR F 23 28.28 17.20 -3.79
N ARG F 24 27.85 16.89 -2.58
CA ARG F 24 26.98 15.73 -2.35
C ARG F 24 25.57 15.99 -2.81
N PHE F 25 25.10 17.24 -2.66
CA PHE F 25 23.76 17.61 -3.10
C PHE F 25 23.60 19.11 -3.29
N ARG F 26 23.08 19.47 -4.45
CA ARG F 26 22.70 20.84 -4.75
C ARG F 26 21.44 20.83 -5.62
N GLN F 27 20.45 21.64 -5.23
CA GLN F 27 19.19 21.72 -5.95
C GLN F 27 19.04 23.13 -6.54
N SER F 28 18.50 23.18 -7.74
CA SER F 28 18.26 24.44 -8.42
C SER F 28 17.05 24.28 -9.32
N MET F 29 16.84 25.24 -10.22
CA MET F 29 15.69 25.22 -11.12
C MET F 29 16.03 25.89 -12.44
N TRP F 30 15.41 25.42 -13.52
CA TRP F 30 15.51 26.09 -14.79
C TRP F 30 14.11 26.38 -15.28
N ILE F 31 13.83 27.67 -15.45
CA ILE F 31 12.59 28.11 -16.05
C ILE F 31 12.92 28.57 -17.47
N GLY F 32 12.68 27.73 -18.46
CA GLY F 32 13.22 28.03 -19.78
C GLY F 32 12.50 27.42 -20.95
N ILE F 33 13.15 27.48 -22.09
CA ILE F 33 12.51 27.16 -23.34
C ILE F 33 13.14 25.90 -23.92
N VAL F 34 12.27 24.96 -24.26
CA VAL F 34 12.65 23.77 -24.99
CA VAL F 34 12.64 23.76 -24.98
C VAL F 34 12.21 23.90 -26.45
N SER F 35 13.16 23.73 -27.37
CA SER F 35 12.87 23.89 -28.80
C SER F 35 12.97 22.57 -29.53
N TYR F 36 11.92 22.23 -30.29
CA TYR F 36 11.96 21.06 -31.19
C TYR F 36 12.32 21.48 -32.62
N SER F 37 13.17 20.68 -33.28
CA SER F 37 13.42 20.83 -34.72
C SER F 37 13.65 19.49 -35.40
N GLY F 38 12.85 19.20 -36.42
CA GLY F 38 13.04 17.99 -37.21
C GLY F 38 12.34 18.04 -38.55
N SER F 39 13.10 17.78 -39.61
CA SER F 39 12.58 17.73 -40.99
C SER F 39 11.66 18.91 -41.29
N GLY F 40 12.11 20.11 -40.99
CA GLY F 40 11.36 21.32 -41.29
C GLY F 40 10.31 21.70 -40.28
N LEU F 41 10.09 20.85 -39.27
CA LEU F 41 9.08 21.15 -38.25
C LEU F 41 9.80 21.80 -37.08
N ASN F 42 9.29 22.90 -36.58
CA ASN F 42 9.92 23.51 -35.42
C ASN F 42 8.97 24.31 -34.58
N TRP F 43 9.20 24.29 -33.28
CA TRP F 43 8.36 24.96 -32.32
C TRP F 43 9.06 24.95 -30.97
N ARG F 44 8.56 25.75 -30.03
CA ARG F 44 9.16 25.87 -28.70
C ARG F 44 8.05 25.90 -27.66
N VAL F 45 8.40 25.49 -26.44
CA VAL F 45 7.49 25.53 -25.30
CA VAL F 45 7.49 25.46 -25.29
C VAL F 45 8.28 25.91 -24.04
N GLN F 46 7.62 26.57 -23.10
CA GLN F 46 8.27 26.90 -21.83
C GLN F 46 8.02 25.80 -20.80
N VAL F 47 9.06 25.42 -20.06
CA VAL F 47 8.95 24.43 -19.00
C VAL F 47 9.60 24.94 -17.72
N ASN F 48 9.08 24.50 -16.58
CA ASN F 48 9.71 24.72 -15.28
C ASN F 48 10.26 23.38 -14.82
N SER F 49 11.57 23.27 -14.66
CA SER F 49 12.22 22.02 -14.22
C SER F 49 13.15 22.18 -13.02
N ASP F 50 13.02 21.27 -12.06
CA ASP F 50 14.05 21.12 -11.03
C ASP F 50 15.34 20.63 -11.64
N ILE F 51 16.44 21.08 -11.06
CA ILE F 51 17.76 20.58 -11.41
C ILE F 51 18.42 20.06 -10.13
N PHE F 52 18.97 18.84 -10.18
CA PHE F 52 19.71 18.30 -9.05
C PHE F 52 21.13 17.99 -9.46
N ILE F 53 22.10 18.52 -8.72
CA ILE F 53 23.48 18.14 -8.91
C ILE F 53 24.00 17.29 -7.75
N VAL F 54 24.45 16.08 -8.09
CA VAL F 54 24.77 15.07 -7.10
C VAL F 54 26.06 14.40 -7.52
N ASN F 55 27.09 14.58 -6.69
CA ASN F 55 28.43 14.15 -7.03
C ASN F 55 28.78 14.66 -8.45
N ASP F 56 29.34 13.82 -9.31
CA ASP F 56 29.77 14.36 -10.61
C ASP F 56 28.69 14.30 -11.73
N TYR F 57 27.41 14.31 -11.31
CA TYR F 57 26.26 14.18 -12.21
C TYR F 57 25.34 15.40 -12.13
N ILE F 58 24.72 15.75 -13.25
CA ILE F 58 23.63 16.72 -13.22
C ILE F 58 22.35 16.04 -13.69
N HIS F 59 21.25 16.34 -13.04
CA HIS F 59 19.96 15.77 -13.40
C HIS F 59 18.95 16.90 -13.71
N ILE F 60 18.41 16.88 -14.93
CA ILE F 60 17.45 17.89 -15.34
C ILE F 60 16.07 17.23 -15.43
N CYS F 61 15.18 17.62 -14.51
CA CYS F 61 13.91 16.91 -14.34
C CYS F 61 12.80 17.62 -15.10
N LEU F 62 12.69 17.35 -16.40
CA LEU F 62 11.68 18.00 -17.24
C LEU F 62 10.30 17.45 -16.89
N PRO F 63 9.29 18.34 -16.82
CA PRO F 63 7.92 17.92 -16.57
C PRO F 63 7.28 17.50 -17.89
N ALA F 64 6.15 16.81 -17.83
CA ALA F 64 5.37 16.59 -19.04
C ALA F 64 5.00 17.93 -19.68
N PHE F 65 4.90 17.95 -21.01
CA PHE F 65 4.50 19.16 -21.76
C PHE F 65 3.87 18.77 -23.10
N ASP F 66 3.11 19.69 -23.70
CA ASP F 66 2.51 19.48 -25.01
C ASP F 66 3.20 20.35 -26.06
N GLY F 67 3.49 19.75 -27.20
CA GLY F 67 4.10 20.45 -28.32
C GLY F 67 3.27 20.20 -29.57
N PHE F 68 3.86 20.44 -30.73
CA PHE F 68 3.18 20.35 -32.01
C PHE F 68 3.75 19.17 -32.80
N SER F 69 3.72 19.24 -34.12
CA SER F 69 4.12 18.07 -34.91
C SER F 69 5.60 17.78 -34.78
N ILE F 70 5.92 16.49 -34.72
CA ILE F 70 7.29 16.06 -34.71
C ILE F 70 7.59 15.17 -35.91
N ALA F 71 8.87 15.06 -36.26
CA ALA F 71 9.32 14.23 -37.36
C ALA F 71 9.69 12.84 -36.83
N ASP F 72 9.95 11.90 -37.73
CA ASP F 72 10.44 10.59 -37.34
CA ASP F 72 10.46 10.59 -37.36
C ASP F 72 11.72 10.75 -36.49
N GLY F 73 12.65 11.58 -36.96
CA GLY F 73 13.85 11.96 -36.21
C GLY F 73 13.94 13.48 -36.06
N GLY F 74 14.36 13.95 -34.90
CA GLY F 74 14.49 15.38 -34.66
C GLY F 74 15.31 15.63 -33.40
N ASP F 75 15.48 16.90 -33.05
CA ASP F 75 16.24 17.30 -31.86
C ASP F 75 15.33 18.09 -30.95
N LEU F 76 15.52 17.88 -29.66
CA LEU F 76 14.89 18.72 -28.64
C LEU F 76 16.02 19.42 -27.90
N SER F 77 16.01 20.77 -27.93
CA SER F 77 17.10 21.56 -27.42
C SER F 77 16.65 22.40 -26.20
N LEU F 78 17.45 22.32 -25.14
CA LEU F 78 17.23 23.06 -23.89
C LEU F 78 18.16 24.25 -23.86
N ASN F 79 17.60 25.43 -23.85
CA ASN F 79 18.44 26.64 -23.81
C ASN F 79 18.79 27.09 -22.39
N PHE F 80 19.99 26.71 -21.94
CA PHE F 80 20.45 27.04 -20.58
C PHE F 80 21.14 28.42 -20.48
N VAL F 81 21.21 29.13 -21.60
CA VAL F 81 21.78 30.48 -21.60
C VAL F 81 20.96 31.43 -20.72
N THR F 82 19.66 31.19 -20.63
CA THR F 82 18.81 31.94 -19.71
C THR F 82 17.92 31.00 -18.93
N GLY F 83 17.45 31.45 -17.77
CA GLY F 83 16.41 30.73 -17.04
C GLY F 83 16.87 29.96 -15.82
N LEU F 84 18.19 29.81 -15.66
CA LEU F 84 18.70 29.10 -14.51
C LEU F 84 18.62 29.98 -13.28
N LEU F 85 18.17 29.40 -12.18
CA LEU F 85 18.09 30.15 -10.93
C LEU F 85 19.45 30.41 -10.32
N PRO F 86 19.72 31.68 -9.98
CA PRO F 86 21.02 32.06 -9.41
C PRO F 86 21.18 31.29 -8.11
N PRO F 87 22.41 30.91 -7.75
CA PRO F 87 23.71 31.20 -8.35
C PRO F 87 24.19 30.24 -9.46
N LEU F 88 23.35 29.28 -9.86
CA LEU F 88 23.69 28.40 -11.00
C LEU F 88 23.95 29.22 -12.25
N LEU F 89 24.97 28.86 -13.01
CA LEU F 89 25.30 29.57 -14.25
C LEU F 89 25.24 28.57 -15.40
N THR F 90 25.06 29.09 -16.61
CA THR F 90 25.01 28.28 -17.82
C THR F 90 26.14 27.23 -17.84
N GLY F 91 27.36 27.67 -17.49
CA GLY F 91 28.53 26.79 -17.50
C GLY F 91 28.43 25.60 -16.56
N ASP F 92 27.52 25.69 -15.60
CA ASP F 92 27.27 24.60 -14.64
C ASP F 92 26.57 23.42 -15.32
N THR F 93 26.02 23.63 -16.51
CA THR F 93 25.33 22.56 -17.22
C THR F 93 26.21 21.88 -18.28
N GLU F 94 27.46 22.29 -18.41
CA GLU F 94 28.34 21.67 -19.40
C GLU F 94 28.70 20.24 -18.97
N PRO F 95 28.60 19.27 -19.91
CA PRO F 95 28.95 17.89 -19.63
C PRO F 95 30.45 17.71 -19.40
N ALA F 96 30.83 16.64 -18.72
CA ALA F 96 32.26 16.31 -18.59
C ALA F 96 32.93 15.95 -19.92
N PHE F 97 32.13 15.55 -20.92
CA PHE F 97 32.64 15.33 -22.28
C PHE F 97 32.53 16.60 -23.13
N HIS F 98 32.31 17.74 -22.47
CA HIS F 98 32.31 19.05 -23.11
C HIS F 98 31.37 19.12 -24.32
N ASN F 99 31.88 19.47 -25.50
CA ASN F 99 31.00 19.56 -26.67
C ASN F 99 31.16 18.38 -27.64
N ASP F 100 31.63 17.26 -27.11
CA ASP F 100 31.68 16.03 -27.92
C ASP F 100 30.27 15.59 -28.33
N VAL F 101 30.19 14.93 -29.48
CA VAL F 101 28.91 14.38 -29.95
C VAL F 101 28.81 12.93 -29.44
N VAL F 102 27.75 12.64 -28.69
CA VAL F 102 27.65 11.37 -27.96
C VAL F 102 26.26 10.76 -28.16
N THR F 103 26.06 9.60 -27.54
CA THR F 103 24.79 8.90 -27.56
C THR F 103 24.53 8.52 -26.10
N TYR F 104 24.47 9.53 -25.23
CA TYR F 104 24.55 9.28 -23.80
C TYR F 104 23.17 9.20 -23.18
N GLY F 105 22.96 8.21 -22.32
CA GLY F 105 21.73 8.09 -21.56
C GLY F 105 20.55 7.70 -22.43
N ALA F 106 20.82 6.90 -23.46
CA ALA F 106 19.77 6.57 -24.41
C ALA F 106 18.67 5.77 -23.70
N GLN F 107 17.42 6.18 -23.91
CA GLN F 107 16.26 5.55 -23.28
C GLN F 107 15.04 5.57 -24.20
N THR F 108 13.95 4.93 -23.76
CA THR F 108 12.67 4.99 -24.47
C THR F 108 11.85 6.10 -23.87
N VAL F 109 11.21 6.88 -24.75
CA VAL F 109 10.22 7.85 -24.32
C VAL F 109 8.98 7.65 -25.18
N ALA F 110 7.82 7.61 -24.53
CA ALA F 110 6.57 7.38 -25.21
C ALA F 110 5.89 8.73 -25.41
N ILE F 111 5.69 9.10 -26.66
CA ILE F 111 5.08 10.41 -26.99
C ILE F 111 3.69 10.23 -27.64
N GLY F 112 2.68 10.90 -27.10
CA GLY F 112 1.29 10.79 -27.60
C GLY F 112 1.03 11.70 -28.77
N LEU F 113 0.73 11.12 -29.93
CA LEU F 113 0.54 11.88 -31.16
C LEU F 113 -0.94 11.92 -31.52
N SER F 114 -1.45 13.12 -31.78
CA SER F 114 -2.88 13.27 -32.09
C SER F 114 -3.12 14.41 -33.05
N SER F 115 -4.34 14.50 -33.55
CA SER F 115 -4.85 15.72 -34.14
C SER F 115 -6.10 16.16 -33.39
N GLY F 116 -5.99 16.29 -32.07
CA GLY F 116 -7.08 16.77 -31.21
C GLY F 116 -7.83 15.68 -30.46
N GLY F 117 -7.91 14.49 -31.07
CA GLY F 117 -8.59 13.33 -30.47
C GLY F 117 -7.67 12.48 -29.60
N THR F 118 -7.97 11.18 -29.56
CA THR F 118 -7.25 10.22 -28.72
C THR F 118 -5.82 10.01 -29.20
N PRO F 119 -4.83 10.31 -28.35
CA PRO F 119 -3.44 10.14 -28.79
C PRO F 119 -3.10 8.69 -29.07
N GLN F 120 -2.26 8.49 -30.06
CA GLN F 120 -1.57 7.22 -30.22
C GLN F 120 -0.11 7.35 -29.75
N TYR F 121 0.27 6.50 -28.80
CA TYR F 121 1.61 6.56 -28.20
C TYR F 121 2.67 5.84 -29.03
N MET F 122 3.69 6.60 -29.43
CA MET F 122 4.85 6.06 -30.13
C MET F 122 6.05 5.94 -29.19
N SER F 123 6.74 4.80 -29.26
CA SER F 123 7.92 4.57 -28.44
C SER F 123 9.12 5.08 -29.19
N LYS F 124 9.54 6.28 -28.84
CA LYS F 124 10.70 6.89 -29.45
C LYS F 124 11.96 6.70 -28.59
N ASN F 125 13.11 7.04 -29.16
CA ASN F 125 14.43 6.71 -28.57
C ASN F 125 15.05 8.08 -28.32
N LEU F 126 15.33 8.40 -27.05
CA LEU F 126 15.91 9.71 -26.72
C LEU F 126 17.30 9.57 -26.10
N TRP F 127 18.20 10.49 -26.44
CA TRP F 127 19.51 10.52 -25.80
C TRP F 127 20.11 11.93 -25.78
N VAL F 128 21.06 12.14 -24.88
CA VAL F 128 21.85 13.34 -24.87
C VAL F 128 22.86 13.24 -26.00
N GLU F 129 22.87 14.24 -26.89
CA GLU F 129 23.73 14.18 -28.06
C GLU F 129 24.88 15.17 -28.01
N GLN F 130 24.59 16.44 -27.70
CA GLN F 130 25.65 17.45 -27.68
C GLN F 130 25.22 18.68 -26.89
N TRP F 131 26.14 19.21 -26.10
CA TRP F 131 26.00 20.53 -25.48
C TRP F 131 26.95 21.47 -26.20
N GLN F 132 26.45 22.63 -26.60
CA GLN F 132 27.26 23.61 -27.30
C GLN F 132 26.79 25.02 -26.90
N ASP F 133 27.73 25.78 -26.33
CA ASP F 133 27.48 27.18 -25.94
C ASP F 133 26.20 27.35 -25.13
N GLY F 134 26.00 26.45 -24.16
CA GLY F 134 24.86 26.56 -23.23
C GLY F 134 23.55 25.96 -23.72
N VAL F 135 23.56 25.35 -24.90
CA VAL F 135 22.37 24.67 -25.41
C VAL F 135 22.61 23.18 -25.41
N LEU F 136 21.73 22.45 -24.72
CA LEU F 136 21.82 20.99 -24.64
C LEU F 136 20.89 20.37 -25.68
N ARG F 137 21.47 19.63 -26.62
CA ARG F 137 20.71 19.01 -27.71
C ARG F 137 20.47 17.53 -27.45
N LEU F 138 19.20 17.16 -27.40
CA LEU F 138 18.79 15.77 -27.27
C LEU F 138 18.30 15.29 -28.61
N ARG F 139 18.64 14.06 -28.95
CA ARG F 139 18.11 13.43 -30.14
C ARG F 139 16.84 12.65 -29.80
N VAL F 140 15.82 12.77 -30.65
CA VAL F 140 14.58 12.02 -30.50
C VAL F 140 14.19 11.36 -31.82
N GLU F 141 14.34 10.04 -31.92
CA GLU F 141 14.12 9.36 -33.18
C GLU F 141 13.64 7.96 -32.96
N GLY F 142 13.24 7.30 -34.06
CA GLY F 142 12.81 5.89 -33.97
C GLY F 142 11.36 5.68 -33.56
N GLY F 143 10.90 4.43 -33.66
CA GLY F 143 9.56 4.07 -33.25
C GLY F 143 8.46 4.34 -34.28
N GLY F 144 8.87 4.81 -35.46
CA GLY F 144 7.92 5.24 -36.48
C GLY F 144 7.07 6.43 -36.10
N SER F 145 6.09 6.74 -36.96
CA SER F 145 5.28 7.91 -36.76
C SER F 145 3.93 7.72 -37.40
N ILE F 146 3.06 8.69 -37.19
CA ILE F 146 1.75 8.75 -37.82
C ILE F 146 1.53 10.21 -38.14
N THR F 147 0.54 10.49 -39.00
CA THR F 147 0.13 11.86 -39.25
C THR F 147 -0.48 12.45 -38.00
N HIS F 148 -0.04 13.66 -37.63
CA HIS F 148 -0.50 14.29 -36.39
C HIS F 148 -0.19 15.79 -36.39
N SER F 149 -0.78 16.53 -35.46
CA SER F 149 -0.57 17.98 -35.33
C SER F 149 -0.17 18.37 -33.91
N ASN F 150 -0.24 17.41 -33.00
CA ASN F 150 -0.02 17.69 -31.58
C ASN F 150 0.76 16.54 -30.94
N SER F 151 1.64 16.89 -30.01
CA SER F 151 2.39 15.86 -29.30
C SER F 151 2.28 16.03 -27.78
N LYS F 152 2.03 14.92 -27.09
CA LYS F 152 1.99 14.90 -25.64
C LYS F 152 3.27 14.23 -25.16
N TRP F 153 4.20 15.04 -24.64
CA TRP F 153 5.46 14.54 -24.17
C TRP F 153 5.36 14.14 -22.71
N PRO F 154 6.03 13.04 -22.33
CA PRO F 154 5.98 12.60 -20.95
C PRO F 154 6.97 13.42 -20.15
N ALA F 155 6.89 13.36 -18.83
CA ALA F 155 8.01 13.82 -17.99
C ALA F 155 9.25 13.00 -18.31
N MET F 156 10.37 13.69 -18.46
CA MET F 156 11.63 13.03 -18.83
C MET F 156 12.76 13.58 -17.98
N THR F 157 13.51 12.70 -17.33
CA THR F 157 14.70 13.14 -16.60
C THR F 157 15.93 12.90 -17.47
N VAL F 158 16.69 13.97 -17.66
CA VAL F 158 17.88 14.01 -18.52
C VAL F 158 19.09 14.13 -17.60
N SER F 159 19.98 13.14 -17.62
CA SER F 159 21.14 13.09 -16.72
C SER F 159 22.43 12.89 -17.49
N TYR F 160 23.52 13.47 -16.97
CA TYR F 160 24.85 13.26 -17.53
C TYR F 160 25.96 13.74 -16.59
N PRO F 161 27.19 13.22 -16.76
CA PRO F 161 28.25 13.74 -15.91
C PRO F 161 28.56 15.19 -16.24
N ARG F 162 28.82 15.95 -15.19
CA ARG F 162 28.95 17.39 -15.27
C ARG F 162 30.43 17.79 -15.26
N SER F 163 30.79 18.81 -16.05
CA SER F 163 32.17 19.29 -16.07
CA SER F 163 32.18 19.27 -16.06
C SER F 163 32.60 19.84 -14.69
N PHE F 164 33.85 19.57 -14.33
CA PHE F 164 34.51 20.17 -13.15
C PHE F 164 35.81 20.85 -13.64
N THR F 165 36.00 20.81 -14.95
CA THR F 165 37.13 21.45 -15.66
C THR F 165 38.50 21.15 -15.03
#